data_9CTA
#
_entry.id   9CTA
#
_cell.length_a   47.840
_cell.length_b   101.490
_cell.length_c   66.730
_cell.angle_alpha   90.000
_cell.angle_beta   90.690
_cell.angle_gamma   90.000
#
_symmetry.space_group_name_H-M   'P 1 21 1'
#
loop_
_entity.id
_entity.type
_entity.pdbx_description
1 polymer 'Isoform 2B of GTPase KRas'
2 polymer 'Peptidyl-prolyl cis-trans isomerase A'
3 non-polymer 'PHOSPHOAMINOPHOSPHONIC ACID-GUANYLATE ESTER'
4 non-polymer 'MAGNESIUM ION'
5 non-polymer '(2R)-2-{(5S)-7-[(2R)-3-cyclopropyl-2-(methylamino)propanoyl]-2,7-diazaspiro[4.4]nonan-2-yl}-N-[(1P,7S,9S,13S,20M)-20-{5-(4-cyclopropylpiperazin-1-yl)-2-[(1R)-1-methoxyethyl]pyridin-3-yl}-17,17-dimethyl-8,14-dioxo-21-(2,2,2-trifluoroethyl)-15-oxa-4-thia-9,21,27,28-tetraazapentacyclo[17.5.2.1~2,5~.1~9,13~.0~22,26~]octacosa-1(24),2,5(28),19,22,25-hexaen-7-yl]-3-methylbutanamide (non-preferred name)'
6 water water
#
loop_
_entity_poly.entity_id
_entity_poly.type
_entity_poly.pdbx_seq_one_letter_code
_entity_poly.pdbx_strand_id
1 'polypeptide(L)'
;SMTEYKLVVVGADGVGKSALTIQLIQNHFVDEYDPTIEDSYRKQVVIDGETCLLDILDTAGQEEYSAMRDQYMRTGEGFL
CVFAINNTKSFEDIHHYREQIKRVKDSEDVPMVLVGNKCDLPSRTVDTKQAQDLARSYGIPFIETSAKTRQGVDDAFYTL
VREIRKHKEK
;
A,B
2 'polypeptide(L)'
;SMVNPTVFFDIAVDGEPLGRVSFELFADKVPKTAENFRALSTGEKGFGYKGSCFHRIIPGFMCQGGDFTRHNGTGGKSIY
GEKFEDENFILKHTGPGILSMANAGPNTNGSQFFICTAKTEWLDGKHVVFGKVKEGMNIVEAMERFGSRNGKTSKKITIA
DCGQLE
;
C,D
#
loop_
_chem_comp.id
_chem_comp.type
_chem_comp.name
_chem_comp.formula
A1AZW non-polymer '(2R)-2-{(5S)-7-[(2R)-3-cyclopropyl-2-(methylamino)propanoyl]-2,7-diazaspiro[4.4]nonan-2-yl}-N-[(1P,7S,9S,13S,20M)-20-{5-(4-cyclopropylpiperazin-1-yl)-2-[(1R)-1-methoxyethyl]pyridin-3-yl}-17,17-dimethyl-8,14-dioxo-21-(2,2,2-trifluoroethyl)-15-oxa-4-thia-9,21,27,28-tetraazapentacyclo[17.5.2.1~2,5~.1~9,13~.0~22,26~]octacosa-1(24),2,5(28),19,22,25-hexaen-7-yl]-3-methylbutanamide (non-preferred name)' 'C60 H82 F3 N11 O6 S'
GNP non-polymer 'PHOSPHOAMINOPHOSPHONIC ACID-GUANYLATE ESTER' 'C10 H17 N6 O13 P3'
MG non-polymer 'MAGNESIUM ION' 'Mg 2'
#
# COMPACT_ATOMS: atom_id res chain seq x y z
N SER A 1 17.75 -11.68 -16.83
CA SER A 1 16.54 -11.08 -17.40
C SER A 1 15.63 -10.55 -16.30
N MET A 2 14.74 -9.63 -16.65
CA MET A 2 13.65 -9.23 -15.77
C MET A 2 12.42 -8.86 -16.60
N THR A 3 11.26 -9.29 -16.14
CA THR A 3 9.99 -8.94 -16.73
C THR A 3 9.05 -8.57 -15.59
N GLU A 4 7.82 -8.23 -15.93
CA GLU A 4 6.83 -7.81 -14.95
C GLU A 4 5.46 -8.26 -15.43
N TYR A 5 4.62 -8.73 -14.50
CA TYR A 5 3.32 -9.29 -14.83
C TYR A 5 2.25 -8.71 -13.91
N LYS A 6 1.15 -8.26 -14.52
CA LYS A 6 -0.03 -7.81 -13.78
C LYS A 6 -0.96 -9.00 -13.58
N LEU A 7 -1.06 -9.47 -12.33
CA LEU A 7 -1.93 -10.58 -11.96
C LEU A 7 -3.13 -10.06 -11.22
N VAL A 8 -4.31 -10.61 -11.50
CA VAL A 8 -5.54 -10.18 -10.86
C VAL A 8 -6.18 -11.42 -10.24
N VAL A 9 -6.52 -11.33 -8.95
CA VAL A 9 -7.12 -12.44 -8.23
C VAL A 9 -8.61 -12.16 -8.09
N VAL A 10 -9.45 -13.05 -8.63
CA VAL A 10 -10.89 -12.89 -8.68
C VAL A 10 -11.58 -14.16 -8.16
N GLY A 11 -12.84 -14.01 -7.80
CA GLY A 11 -13.63 -15.12 -7.28
C GLY A 11 -14.59 -14.63 -6.22
N ALA A 12 -15.51 -15.50 -5.83
CA ALA A 12 -16.61 -15.11 -4.93
C ALA A 12 -16.08 -14.71 -3.56
N ASP A 13 -16.92 -14.00 -2.80
CA ASP A 13 -16.48 -13.55 -1.49
C ASP A 13 -16.15 -14.73 -0.59
N GLY A 14 -15.11 -14.55 0.21
CA GLY A 14 -14.74 -15.49 1.24
C GLY A 14 -14.01 -16.74 0.79
N VAL A 15 -13.60 -16.83 -0.47
CA VAL A 15 -12.97 -18.05 -0.96
C VAL A 15 -11.50 -18.16 -0.56
N GLY A 16 -10.87 -17.06 -0.16
CA GLY A 16 -9.46 -17.06 0.19
C GLY A 16 -8.57 -16.28 -0.76
N LYS A 17 -9.12 -15.38 -1.57
CA LYS A 17 -8.29 -14.55 -2.45
C LYS A 17 -7.23 -13.79 -1.68
N SER A 18 -7.64 -13.07 -0.64
CA SER A 18 -6.70 -12.30 0.15
C SER A 18 -5.75 -13.20 0.92
N ALA A 19 -6.25 -14.30 1.50
CA ALA A 19 -5.37 -15.17 2.28
C ALA A 19 -4.28 -15.78 1.40
N LEU A 20 -4.63 -16.16 0.17
CA LEU A 20 -3.62 -16.66 -0.76
C LEU A 20 -2.59 -15.58 -1.09
N THR A 21 -3.07 -14.37 -1.38
CA THR A 21 -2.16 -13.28 -1.71
C THR A 21 -1.26 -12.93 -0.53
N ILE A 22 -1.82 -12.88 0.68
CA ILE A 22 -1.03 -12.49 1.84
C ILE A 22 0.00 -13.57 2.18
N GLN A 23 -0.35 -14.85 1.97
CA GLN A 23 0.68 -15.88 2.09
C GLN A 23 1.84 -15.62 1.14
N LEU A 24 1.54 -15.31 -0.12
CA LEU A 24 2.59 -15.08 -1.09
C LEU A 24 3.44 -13.88 -0.73
N ILE A 25 2.79 -12.77 -0.34
CA ILE A 25 3.51 -11.52 -0.11
C ILE A 25 4.16 -11.51 1.27
N GLN A 26 3.41 -11.91 2.30
CA GLN A 26 3.84 -11.72 3.69
C GLN A 26 4.11 -13.01 4.45
N ASN A 27 3.92 -14.17 3.83
CA ASN A 27 4.27 -15.47 4.43
C ASN A 27 3.62 -15.70 5.79
N HIS A 28 2.35 -15.32 5.91
CA HIS A 28 1.58 -15.69 7.09
C HIS A 28 0.14 -15.87 6.67
N PHE A 29 -0.60 -16.65 7.46
CA PHE A 29 -1.99 -16.94 7.19
C PHE A 29 -2.85 -16.11 8.11
N VAL A 30 -3.72 -15.31 7.50
CA VAL A 30 -4.69 -14.48 8.20
C VAL A 30 -5.92 -15.35 8.51
N ASP A 31 -6.16 -15.59 9.79
CA ASP A 31 -7.32 -16.39 10.18
C ASP A 31 -8.61 -15.56 10.28
N GLU A 32 -8.52 -14.30 10.67
CA GLU A 32 -9.68 -13.44 10.72
C GLU A 32 -10.05 -13.01 9.30
N TYR A 33 -11.35 -12.84 9.06
CA TYR A 33 -11.84 -12.40 7.76
C TYR A 33 -11.86 -10.88 7.73
N ASP A 34 -11.08 -10.29 6.84
CA ASP A 34 -11.07 -8.83 6.64
C ASP A 34 -11.54 -8.60 5.21
N PRO A 35 -12.82 -8.30 4.99
CA PRO A 35 -13.35 -8.17 3.63
C PRO A 35 -12.59 -7.15 2.78
N THR A 36 -12.32 -7.51 1.54
CA THR A 36 -11.55 -6.63 0.68
C THR A 36 -12.46 -5.61 -0.01
N ILE A 37 -11.91 -4.40 -0.20
CA ILE A 37 -12.43 -3.44 -1.16
C ILE A 37 -11.52 -3.49 -2.38
N GLU A 38 -10.23 -3.20 -2.18
CA GLU A 38 -9.21 -3.41 -3.20
C GLU A 38 -7.84 -3.30 -2.55
N ASP A 39 -6.91 -4.20 -2.89
CA ASP A 39 -5.54 -4.08 -2.41
C ASP A 39 -4.59 -4.48 -3.51
N SER A 40 -3.40 -3.88 -3.48
CA SER A 40 -2.39 -4.13 -4.50
C SER A 40 -1.07 -4.46 -3.82
N TYR A 41 -0.31 -5.37 -4.43
CA TYR A 41 0.97 -5.80 -3.86
C TYR A 41 1.99 -5.95 -4.97
N ARG A 42 3.26 -5.86 -4.60
CA ARG A 42 4.37 -6.07 -5.53
C ARG A 42 5.39 -6.98 -4.88
N LYS A 43 5.90 -7.95 -5.65
CA LYS A 43 6.92 -8.86 -5.14
C LYS A 43 7.82 -9.33 -6.28
N GLN A 44 9.13 -9.33 -6.05
CA GLN A 44 10.07 -9.88 -7.03
C GLN A 44 10.29 -11.36 -6.74
N VAL A 45 10.20 -12.18 -7.79
CA VAL A 45 10.36 -13.63 -7.68
C VAL A 45 11.21 -14.09 -8.86
N VAL A 46 11.64 -15.34 -8.79
CA VAL A 46 12.30 -16.00 -9.91
C VAL A 46 11.47 -17.23 -10.26
N ILE A 47 11.02 -17.31 -11.51
CA ILE A 47 10.18 -18.41 -11.98
C ILE A 47 10.85 -19.02 -13.21
N ASP A 48 11.18 -20.29 -13.14
CA ASP A 48 11.86 -21.00 -14.24
C ASP A 48 13.16 -20.30 -14.64
N GLY A 49 13.89 -19.81 -13.65
CA GLY A 49 15.15 -19.12 -13.89
C GLY A 49 15.03 -17.69 -14.36
N GLU A 50 13.81 -17.16 -14.51
CA GLU A 50 13.59 -15.84 -15.08
C GLU A 50 13.00 -14.94 -14.01
N THR A 51 13.75 -13.90 -13.65
CA THR A 51 13.31 -12.98 -12.61
C THR A 51 12.15 -12.13 -13.10
N CYS A 52 11.20 -11.87 -12.22
CA CYS A 52 10.10 -11.01 -12.62
C CYS A 52 9.51 -10.33 -11.40
N LEU A 53 8.85 -9.21 -11.67
CA LEU A 53 8.10 -8.48 -10.66
C LEU A 53 6.63 -8.84 -10.84
N LEU A 54 6.01 -9.30 -9.77
CA LEU A 54 4.59 -9.58 -9.78
C LEU A 54 3.84 -8.39 -9.21
N ASP A 55 2.93 -7.84 -9.99
CA ASP A 55 2.00 -6.82 -9.51
C ASP A 55 0.68 -7.53 -9.32
N ILE A 56 0.25 -7.70 -8.07
CA ILE A 56 -0.95 -8.48 -7.77
C ILE A 56 -2.05 -7.55 -7.31
N LEU A 57 -3.18 -7.62 -7.99
CA LEU A 57 -4.38 -6.89 -7.61
C LEU A 57 -5.32 -7.88 -6.96
N ASP A 58 -5.63 -7.64 -5.69
CA ASP A 58 -6.51 -8.49 -4.90
C ASP A 58 -7.87 -7.79 -4.92
N THR A 59 -8.86 -8.41 -5.55
CA THR A 59 -10.14 -7.77 -5.78
C THR A 59 -11.18 -8.30 -4.81
N ALA A 60 -12.27 -7.56 -4.68
CA ALA A 60 -13.32 -8.00 -3.77
C ALA A 60 -14.21 -9.01 -4.50
N GLY A 61 -14.69 -9.99 -3.75
CA GLY A 61 -15.64 -10.95 -4.29
C GLY A 61 -17.04 -10.38 -4.32
N GLN A 62 -17.45 -9.89 -5.48
N GLN A 62 -17.44 -9.83 -5.47
CA GLN A 62 -18.74 -9.23 -5.62
CA GLN A 62 -18.74 -9.18 -5.59
C GLN A 62 -19.07 -9.18 -7.11
C GLN A 62 -19.06 -9.03 -7.07
N GLU A 63 -20.36 -9.06 -7.40
CA GLU A 63 -20.80 -8.93 -8.78
C GLU A 63 -21.37 -7.56 -9.10
N GLU A 64 -21.45 -6.66 -8.12
CA GLU A 64 -21.77 -5.28 -8.40
C GLU A 64 -20.53 -4.60 -9.02
N TYR A 65 -20.72 -3.37 -9.50
CA TYR A 65 -19.61 -2.53 -10.01
C TYR A 65 -18.95 -3.13 -11.25
N SER A 66 -19.78 -3.46 -12.24
CA SER A 66 -19.27 -4.11 -13.44
C SER A 66 -18.22 -3.25 -14.15
N ALA A 67 -18.44 -1.93 -14.18
CA ALA A 67 -17.54 -1.07 -14.95
C ALA A 67 -16.18 -0.93 -14.28
N MET A 68 -16.17 -0.84 -12.95
CA MET A 68 -14.90 -0.84 -12.23
C MET A 68 -14.18 -2.16 -12.40
N ARG A 69 -14.91 -3.26 -12.28
N ARG A 69 -14.92 -3.26 -12.28
N ARG A 69 -14.92 -3.27 -12.31
CA ARG A 69 -14.28 -4.57 -12.42
CA ARG A 69 -14.29 -4.58 -12.42
CA ARG A 69 -14.27 -4.57 -12.42
C ARG A 69 -13.79 -4.81 -13.84
C ARG A 69 -13.80 -4.82 -13.84
C ARG A 69 -13.85 -4.89 -13.85
N ASP A 70 -14.50 -4.27 -14.85
CA ASP A 70 -14.02 -4.37 -16.22
C ASP A 70 -12.66 -3.70 -16.39
N GLN A 71 -12.44 -2.56 -15.70
CA GLN A 71 -11.14 -1.92 -15.83
C GLN A 71 -10.03 -2.79 -15.27
N TYR A 72 -10.25 -3.45 -14.13
CA TYR A 72 -9.28 -4.41 -13.59
CA TYR A 72 -9.15 -4.28 -13.70
C TYR A 72 -8.92 -5.47 -14.63
N MET A 73 -9.94 -5.94 -15.34
CA MET A 73 -9.73 -7.01 -16.30
C MET A 73 -9.00 -6.51 -17.54
N ARG A 74 -9.28 -5.29 -17.98
CA ARG A 74 -8.56 -4.74 -19.12
C ARG A 74 -7.07 -4.67 -18.84
N THR A 75 -6.69 -4.24 -17.64
CA THR A 75 -5.29 -4.02 -17.33
C THR A 75 -4.58 -5.32 -16.96
N GLY A 76 -5.32 -6.33 -16.49
CA GLY A 76 -4.69 -7.55 -16.02
C GLY A 76 -4.18 -8.40 -17.17
N GLU A 77 -3.02 -9.02 -16.96
CA GLU A 77 -2.49 -9.94 -17.95
C GLU A 77 -2.85 -11.38 -17.68
N GLY A 78 -3.06 -11.76 -16.42
CA GLY A 78 -3.51 -13.11 -16.12
C GLY A 78 -4.37 -13.07 -14.88
N PHE A 79 -5.25 -14.07 -14.76
CA PHE A 79 -6.27 -14.10 -13.73
C PHE A 79 -6.19 -15.40 -12.94
N LEU A 80 -6.11 -15.27 -11.62
CA LEU A 80 -6.33 -16.40 -10.73
C LEU A 80 -7.81 -16.40 -10.40
N CYS A 81 -8.50 -17.46 -10.80
CA CYS A 81 -9.94 -17.57 -10.58
C CYS A 81 -10.13 -18.56 -9.45
N VAL A 82 -10.51 -18.06 -8.27
CA VAL A 82 -10.47 -18.84 -7.03
C VAL A 82 -11.88 -19.22 -6.63
N PHE A 83 -12.06 -20.48 -6.26
CA PHE A 83 -13.23 -20.94 -5.52
C PHE A 83 -12.75 -21.67 -4.28
N ALA A 84 -13.68 -21.91 -3.36
CA ALA A 84 -13.38 -22.70 -2.16
C ALA A 84 -13.97 -24.10 -2.30
N ILE A 85 -13.18 -25.11 -1.95
CA ILE A 85 -13.63 -26.48 -2.16
C ILE A 85 -14.79 -26.87 -1.28
N ASN A 86 -15.15 -26.03 -0.31
CA ASN A 86 -16.30 -26.28 0.54
C ASN A 86 -17.42 -25.27 0.30
N ASN A 87 -17.46 -24.65 -0.88
CA ASN A 87 -18.46 -23.64 -1.20
C ASN A 87 -18.87 -23.88 -2.66
N THR A 88 -19.95 -24.65 -2.85
CA THR A 88 -20.37 -25.02 -4.20
C THR A 88 -20.77 -23.80 -5.01
N LYS A 89 -21.44 -22.83 -4.38
CA LYS A 89 -21.81 -21.61 -5.07
C LYS A 89 -20.58 -20.93 -5.66
N SER A 90 -19.47 -20.89 -4.91
CA SER A 90 -18.27 -20.21 -5.43
C SER A 90 -17.72 -20.93 -6.66
N PHE A 91 -17.89 -22.26 -6.72
CA PHE A 91 -17.49 -23.02 -7.91
C PHE A 91 -18.43 -22.74 -9.07
N GLU A 92 -19.74 -22.69 -8.82
CA GLU A 92 -20.71 -22.38 -9.85
C GLU A 92 -20.52 -20.98 -10.41
N ASP A 93 -19.91 -20.08 -9.65
CA ASP A 93 -19.66 -18.71 -10.10
C ASP A 93 -18.47 -18.62 -11.06
N ILE A 94 -17.61 -19.64 -11.10
CA ILE A 94 -16.39 -19.53 -11.90
C ILE A 94 -16.70 -19.20 -13.34
N HIS A 95 -17.70 -19.86 -13.93
CA HIS A 95 -17.91 -19.63 -15.36
C HIS A 95 -18.31 -18.18 -15.67
N HIS A 96 -18.92 -17.49 -14.70
CA HIS A 96 -19.25 -16.08 -14.90
C HIS A 96 -17.99 -15.22 -14.94
N TYR A 97 -17.02 -15.52 -14.07
CA TYR A 97 -15.76 -14.80 -14.10
C TYR A 97 -15.04 -15.03 -15.41
N ARG A 98 -15.02 -16.28 -15.90
CA ARG A 98 -14.36 -16.54 -17.18
C ARG A 98 -15.06 -15.81 -18.32
N GLU A 99 -16.40 -15.80 -18.32
CA GLU A 99 -17.15 -15.10 -19.35
C GLU A 99 -16.85 -13.59 -19.32
N GLN A 100 -16.77 -13.00 -18.13
CA GLN A 100 -16.48 -11.57 -18.05
C GLN A 100 -15.07 -11.27 -18.54
N ILE A 101 -14.09 -12.10 -18.15
CA ILE A 101 -12.72 -11.87 -18.59
C ILE A 101 -12.62 -11.95 -20.11
N LYS A 102 -13.24 -12.96 -20.71
CA LYS A 102 -13.18 -13.10 -22.16
C LYS A 102 -13.84 -11.92 -22.85
N ARG A 103 -14.96 -11.45 -22.33
CA ARG A 103 -15.63 -10.32 -22.95
C ARG A 103 -14.78 -9.06 -22.85
N VAL A 104 -14.19 -8.81 -21.69
CA VAL A 104 -13.41 -7.59 -21.51
C VAL A 104 -12.11 -7.63 -22.31
N LYS A 105 -11.43 -8.78 -22.34
CA LYS A 105 -10.19 -8.91 -23.11
C LYS A 105 -10.45 -9.15 -24.59
N ASP A 106 -11.71 -9.31 -24.98
CA ASP A 106 -12.09 -9.59 -26.36
C ASP A 106 -11.30 -10.77 -26.93
N SER A 107 -11.28 -11.86 -26.16
CA SER A 107 -10.50 -13.01 -26.58
C SER A 107 -11.00 -14.26 -25.87
N GLU A 108 -10.89 -15.39 -26.54
CA GLU A 108 -11.18 -16.66 -25.86
C GLU A 108 -9.94 -17.29 -25.25
N ASP A 109 -8.76 -16.70 -25.45
CA ASP A 109 -7.49 -17.23 -24.98
C ASP A 109 -6.88 -16.18 -24.05
N VAL A 110 -7.22 -16.26 -22.76
CA VAL A 110 -6.73 -15.32 -21.76
C VAL A 110 -6.00 -16.12 -20.68
N PRO A 111 -4.80 -15.72 -20.28
CA PRO A 111 -4.08 -16.48 -19.24
C PRO A 111 -4.88 -16.52 -17.95
N MET A 112 -5.15 -17.75 -17.50
CA MET A 112 -6.01 -17.99 -16.36
CA MET A 112 -5.98 -17.97 -16.34
C MET A 112 -5.59 -19.29 -15.69
N VAL A 113 -5.77 -19.35 -14.37
CA VAL A 113 -5.61 -20.58 -13.60
C VAL A 113 -6.80 -20.72 -12.68
N LEU A 114 -7.38 -21.91 -12.66
CA LEU A 114 -8.46 -22.24 -11.73
C LEU A 114 -7.85 -22.72 -10.42
N VAL A 115 -8.24 -22.09 -9.32
CA VAL A 115 -7.69 -22.38 -7.99
C VAL A 115 -8.81 -22.89 -7.08
N GLY A 116 -8.66 -24.12 -6.57
CA GLY A 116 -9.57 -24.66 -5.57
C GLY A 116 -8.93 -24.54 -4.19
N ASN A 117 -9.34 -23.54 -3.42
CA ASN A 117 -8.69 -23.20 -2.16
C ASN A 117 -9.43 -23.85 -0.99
N LYS A 118 -8.75 -23.82 0.17
CA LYS A 118 -9.24 -24.38 1.43
C LYS A 118 -9.18 -25.90 1.45
N CYS A 119 -8.21 -26.49 0.74
CA CYS A 119 -8.12 -27.96 0.67
CA CYS A 119 -8.14 -27.96 0.68
C CYS A 119 -7.74 -28.59 2.00
N ASP A 120 -7.40 -27.80 3.01
CA ASP A 120 -7.12 -28.36 4.33
C ASP A 120 -8.39 -28.71 5.11
N LEU A 121 -9.54 -28.22 4.67
CA LEU A 121 -10.75 -28.35 5.47
C LEU A 121 -11.44 -29.69 5.21
N PRO A 122 -12.18 -30.21 6.20
CA PRO A 122 -12.85 -31.51 6.07
C PRO A 122 -14.27 -31.44 5.52
N SER A 123 -14.69 -30.29 5.01
CA SER A 123 -16.07 -30.02 4.64
C SER A 123 -16.25 -29.86 3.14
N ARG A 124 -15.43 -30.55 2.34
CA ARG A 124 -15.49 -30.43 0.90
C ARG A 124 -16.89 -30.70 0.34
N THR A 125 -17.28 -29.87 -0.62
CA THR A 125 -18.50 -30.06 -1.41
C THR A 125 -18.23 -30.13 -2.91
N VAL A 126 -17.06 -29.71 -3.39
CA VAL A 126 -16.73 -29.74 -4.82
C VAL A 126 -15.64 -30.78 -5.02
N ASP A 127 -15.92 -31.79 -5.83
CA ASP A 127 -14.96 -32.86 -6.09
C ASP A 127 -13.81 -32.35 -6.96
N THR A 128 -12.62 -32.89 -6.73
CA THR A 128 -11.47 -32.56 -7.55
C THR A 128 -11.73 -32.84 -9.02
N LYS A 129 -12.40 -33.98 -9.32
CA LYS A 129 -12.66 -34.33 -10.71
C LYS A 129 -13.54 -33.29 -11.38
N GLN A 130 -14.53 -32.76 -10.64
CA GLN A 130 -15.40 -31.73 -11.18
C GLN A 130 -14.60 -30.50 -11.59
N ALA A 131 -13.69 -30.05 -10.72
CA ALA A 131 -12.86 -28.90 -11.03
C ALA A 131 -11.87 -29.20 -12.15
N GLN A 132 -11.25 -30.39 -12.12
CA GLN A 132 -10.35 -30.77 -13.20
C GLN A 132 -11.06 -30.78 -14.55
N ASP A 133 -12.29 -31.30 -14.58
CA ASP A 133 -13.07 -31.34 -15.82
C ASP A 133 -13.39 -29.93 -16.31
N LEU A 134 -13.73 -29.01 -15.38
CA LEU A 134 -14.03 -27.64 -15.79
C LEU A 134 -12.79 -26.99 -16.37
N ALA A 135 -11.66 -27.12 -15.67
CA ALA A 135 -10.41 -26.56 -16.17
C ALA A 135 -10.02 -27.15 -17.51
N ARG A 136 -10.23 -28.46 -17.69
CA ARG A 136 -9.92 -29.07 -18.99
C ARG A 136 -10.76 -28.47 -20.10
N SER A 137 -12.05 -28.23 -19.82
CA SER A 137 -12.93 -27.66 -20.84
C SER A 137 -12.54 -26.24 -21.20
N TYR A 138 -11.84 -25.54 -20.31
CA TYR A 138 -11.35 -24.20 -20.59
C TYR A 138 -9.95 -24.18 -21.18
N GLY A 139 -9.26 -25.32 -21.17
CA GLY A 139 -7.87 -25.37 -21.55
C GLY A 139 -6.92 -24.70 -20.58
N ILE A 140 -7.22 -24.71 -19.28
CA ILE A 140 -6.41 -23.98 -18.30
C ILE A 140 -5.98 -24.91 -17.18
N PRO A 141 -4.93 -24.56 -16.45
CA PRO A 141 -4.52 -25.40 -15.32
C PRO A 141 -5.49 -25.27 -14.15
N PHE A 142 -5.56 -26.34 -13.36
CA PHE A 142 -6.25 -26.36 -12.08
C PHE A 142 -5.22 -26.68 -11.00
N ILE A 143 -5.21 -25.89 -9.93
CA ILE A 143 -4.33 -26.06 -8.78
C ILE A 143 -5.18 -26.07 -7.52
N GLU A 144 -5.00 -27.09 -6.67
CA GLU A 144 -5.62 -27.11 -5.34
C GLU A 144 -4.68 -26.43 -4.35
N THR A 145 -5.22 -25.56 -3.51
CA THR A 145 -4.40 -24.79 -2.57
C THR A 145 -4.99 -24.82 -1.18
N SER A 146 -4.14 -24.50 -0.21
CA SER A 146 -4.59 -24.10 1.12
C SER A 146 -3.77 -22.89 1.53
N ALA A 147 -4.43 -21.74 1.67
CA ALA A 147 -3.73 -20.59 2.23
C ALA A 147 -3.32 -20.83 3.68
N LYS A 148 -4.03 -21.71 4.39
CA LYS A 148 -3.72 -21.94 5.78
C LYS A 148 -2.40 -22.69 5.95
N THR A 149 -2.21 -23.78 5.19
CA THR A 149 -0.99 -24.57 5.28
C THR A 149 0.07 -24.12 4.30
N ARG A 150 -0.26 -23.23 3.38
CA ARG A 150 0.58 -22.73 2.29
C ARG A 150 0.68 -23.72 1.12
N GLN A 151 0.07 -24.90 1.20
CA GLN A 151 0.07 -25.83 0.08
C GLN A 151 -0.40 -25.17 -1.21
N GLY A 152 0.42 -25.26 -2.26
CA GLY A 152 0.00 -24.84 -3.58
C GLY A 152 0.04 -23.36 -3.85
N VAL A 153 0.38 -22.53 -2.86
CA VAL A 153 0.30 -21.08 -3.01
C VAL A 153 1.27 -20.60 -4.08
N ASP A 154 2.56 -20.91 -3.93
CA ASP A 154 3.52 -20.51 -4.96
C ASP A 154 3.16 -21.12 -6.30
N ASP A 155 2.75 -22.38 -6.30
CA ASP A 155 2.39 -23.06 -7.54
C ASP A 155 1.30 -22.32 -8.28
N ALA A 156 0.27 -21.86 -7.56
CA ALA A 156 -0.83 -21.16 -8.24
C ALA A 156 -0.34 -19.90 -8.95
N PHE A 157 0.41 -19.06 -8.26
CA PHE A 157 0.87 -17.81 -8.85
C PHE A 157 1.91 -18.07 -9.94
N TYR A 158 2.83 -19.00 -9.70
CA TYR A 158 3.87 -19.25 -10.68
C TYR A 158 3.30 -19.89 -11.93
N THR A 159 2.33 -20.79 -11.76
CA THR A 159 1.65 -21.37 -12.91
C THR A 159 0.97 -20.30 -13.75
N LEU A 160 0.34 -19.31 -13.10
CA LEU A 160 -0.28 -18.22 -13.84
C LEU A 160 0.76 -17.45 -14.67
N VAL A 161 1.92 -17.17 -14.08
CA VAL A 161 3.00 -16.54 -14.85
C VAL A 161 3.40 -17.38 -16.06
N ARG A 162 3.55 -18.70 -15.86
CA ARG A 162 3.82 -19.58 -16.99
C ARG A 162 2.75 -19.47 -18.06
N GLU A 163 1.48 -19.39 -17.67
CA GLU A 163 0.41 -19.23 -18.67
C GLU A 163 0.56 -17.92 -19.44
N ILE A 164 0.92 -16.83 -18.74
CA ILE A 164 1.09 -15.55 -19.44
C ILE A 164 2.24 -15.67 -20.43
N ARG A 165 3.34 -16.28 -20.00
CA ARG A 165 4.51 -16.42 -20.88
C ARG A 165 4.17 -17.26 -22.09
N LYS A 166 3.41 -18.35 -21.89
CA LYS A 166 3.00 -19.17 -23.03
C LYS A 166 2.11 -18.37 -23.97
N HIS A 167 1.23 -17.53 -23.41
CA HIS A 167 0.35 -16.73 -24.25
C HIS A 167 1.15 -15.72 -25.08
N LYS A 168 2.17 -15.08 -24.48
CA LYS A 168 3.00 -14.11 -25.17
C LYS A 168 3.80 -14.74 -26.29
N GLU A 169 4.05 -16.04 -26.23
CA GLU A 169 4.81 -16.73 -27.26
C GLU A 169 3.98 -16.97 -28.51
N LYS A 170 2.66 -17.00 -28.41
CA LYS A 170 1.81 -17.21 -29.57
C LYS A 170 1.86 -16.01 -30.54
N SER B 1 -13.98 3.73 -14.12
CA SER B 1 -12.96 4.39 -14.94
C SER B 1 -12.90 3.76 -16.31
N MET B 2 -12.77 4.60 -17.34
CA MET B 2 -12.69 4.07 -18.69
C MET B 2 -11.27 3.74 -19.12
N THR B 3 -10.26 4.42 -18.60
CA THR B 3 -8.88 4.16 -19.00
C THR B 3 -7.99 4.12 -17.76
N GLU B 4 -6.78 3.57 -17.91
CA GLU B 4 -5.83 3.43 -16.82
C GLU B 4 -4.46 3.78 -17.36
N TYR B 5 -3.67 4.53 -16.57
CA TYR B 5 -2.34 4.93 -17.00
C TYR B 5 -1.28 4.61 -15.96
N LYS B 6 -0.15 4.07 -16.42
CA LYS B 6 1.00 3.77 -15.57
C LYS B 6 1.98 4.92 -15.67
N LEU B 7 2.03 5.76 -14.64
CA LEU B 7 2.92 6.92 -14.61
C LEU B 7 4.07 6.62 -13.67
N VAL B 8 5.27 7.04 -14.05
CA VAL B 8 6.47 6.82 -13.25
C VAL B 8 7.12 8.16 -13.02
N VAL B 9 7.38 8.49 -11.75
CA VAL B 9 8.02 9.74 -11.38
C VAL B 9 9.49 9.47 -11.10
N VAL B 10 10.37 10.16 -11.85
CA VAL B 10 11.82 9.96 -11.77
C VAL B 10 12.52 11.30 -11.62
N GLY B 11 13.76 11.23 -11.13
CA GLY B 11 14.56 12.42 -10.92
C GLY B 11 15.46 12.26 -9.71
N ALA B 12 16.39 13.19 -9.57
CA ALA B 12 17.44 13.10 -8.56
C ALA B 12 16.83 13.12 -7.15
N ASP B 13 17.62 12.63 -6.19
CA ASP B 13 17.15 12.63 -4.80
C ASP B 13 16.83 14.04 -4.34
N GLY B 14 15.72 14.17 -3.62
CA GLY B 14 15.39 15.40 -2.95
C GLY B 14 14.69 16.45 -3.78
N VAL B 15 14.36 16.15 -5.05
CA VAL B 15 13.75 17.17 -5.90
C VAL B 15 12.28 17.41 -5.62
N GLY B 16 11.64 16.49 -4.90
CA GLY B 16 10.21 16.59 -4.60
C GLY B 16 9.32 15.59 -5.33
N LYS B 17 9.85 14.46 -5.79
CA LYS B 17 9.02 13.47 -6.45
C LYS B 17 7.90 12.99 -5.54
N SER B 18 8.25 12.65 -4.30
CA SER B 18 7.24 12.16 -3.37
C SER B 18 6.29 13.27 -2.96
N ALA B 19 6.81 14.47 -2.69
CA ALA B 19 5.95 15.57 -2.30
C ALA B 19 4.94 15.89 -3.40
N LEU B 20 5.36 15.85 -4.67
CA LEU B 20 4.42 16.06 -5.76
C LEU B 20 3.36 14.98 -5.79
N THR B 21 3.79 13.72 -5.65
CA THR B 21 2.86 12.61 -5.71
C THR B 21 1.87 12.67 -4.56
N ILE B 22 2.36 12.94 -3.35
CA ILE B 22 1.48 13.01 -2.19
CA ILE B 22 1.48 13.02 -2.18
C ILE B 22 0.52 14.20 -2.30
N GLN B 23 0.96 15.32 -2.87
CA GLN B 23 0.03 16.41 -3.10
C GLN B 23 -1.08 16.00 -4.05
N LEU B 24 -0.73 15.35 -5.16
CA LEU B 24 -1.73 14.90 -6.11
C LEU B 24 -2.72 13.94 -5.47
N ILE B 25 -2.21 12.96 -4.72
CA ILE B 25 -3.03 11.86 -4.21
C ILE B 25 -3.78 12.29 -2.95
N GLN B 26 -3.08 12.90 -1.99
CA GLN B 26 -3.62 13.13 -0.66
C GLN B 26 -3.86 14.59 -0.33
N ASN B 27 -3.47 15.51 -1.22
CA ASN B 27 -3.79 16.94 -1.09
C ASN B 27 -3.18 17.57 0.16
N HIS B 28 -1.99 17.12 0.53
CA HIS B 28 -1.25 17.82 1.57
C HIS B 28 0.23 17.79 1.23
N PHE B 29 0.96 18.72 1.84
CA PHE B 29 2.39 18.88 1.61
C PHE B 29 3.15 18.43 2.84
N VAL B 30 4.16 17.59 2.60
CA VAL B 30 5.00 17.01 3.63
C VAL B 30 6.29 17.82 3.68
N ASP B 31 6.50 18.53 4.78
CA ASP B 31 7.73 19.29 4.91
C ASP B 31 8.92 18.40 5.30
N GLU B 32 8.66 17.30 5.98
CA GLU B 32 9.71 16.37 6.38
C GLU B 32 10.15 15.53 5.18
N TYR B 33 11.44 15.27 5.10
CA TYR B 33 11.99 14.43 4.04
C TYR B 33 11.97 12.99 4.52
N ASP B 34 11.20 12.15 3.83
CA ASP B 34 11.18 10.71 4.09
C ASP B 34 11.71 10.04 2.84
N PRO B 35 12.98 9.65 2.81
CA PRO B 35 13.58 9.14 1.57
C PRO B 35 12.84 7.92 1.04
N THR B 36 12.66 7.89 -0.27
CA THR B 36 11.92 6.80 -0.90
C THR B 36 12.81 5.62 -1.22
N ILE B 37 12.28 4.41 -1.05
CA ILE B 37 12.83 3.22 -1.68
C ILE B 37 11.98 2.93 -2.92
N GLU B 38 10.67 2.74 -2.71
CA GLU B 38 9.71 2.62 -3.80
C GLU B 38 8.31 2.72 -3.22
N ASP B 39 7.43 3.53 -3.82
CA ASP B 39 6.04 3.55 -3.38
C ASP B 39 5.11 3.60 -4.58
N SER B 40 3.90 3.06 -4.39
CA SER B 40 2.92 2.97 -5.46
C SER B 40 1.60 3.53 -4.97
N TYR B 41 0.90 4.23 -5.85
CA TYR B 41 -0.38 4.82 -5.54
C TYR B 41 -1.36 4.59 -6.68
N ARG B 42 -2.64 4.51 -6.35
CA ARG B 42 -3.72 4.38 -7.33
C ARG B 42 -4.77 5.41 -6.99
N LYS B 43 -5.19 6.20 -7.97
CA LYS B 43 -6.25 7.17 -7.73
C LYS B 43 -7.08 7.36 -9.00
N GLN B 44 -8.39 7.42 -8.82
CA GLN B 44 -9.32 7.72 -9.90
C GLN B 44 -9.45 9.23 -9.99
N VAL B 45 -9.22 9.78 -11.18
CA VAL B 45 -9.37 11.21 -11.45
C VAL B 45 -10.19 11.36 -12.72
N VAL B 46 -10.65 12.58 -12.97
CA VAL B 46 -11.29 12.92 -14.23
C VAL B 46 -10.44 13.98 -14.91
N ILE B 47 -10.03 13.71 -16.14
CA ILE B 47 -9.16 14.59 -16.92
C ILE B 47 -9.86 14.87 -18.24
N ASP B 48 -10.19 16.14 -18.48
CA ASP B 48 -10.91 16.51 -19.71
C ASP B 48 -12.17 15.66 -19.88
N GLY B 49 -12.86 15.42 -18.78
CA GLY B 49 -14.12 14.69 -18.82
C GLY B 49 -14.00 13.20 -19.06
N GLU B 50 -12.79 12.66 -19.03
CA GLU B 50 -12.55 11.24 -19.26
C GLU B 50 -12.02 10.65 -17.96
N THR B 51 -12.82 9.80 -17.31
CA THR B 51 -12.41 9.20 -16.05
C THR B 51 -11.26 8.25 -16.29
N CYS B 52 -10.25 8.33 -15.44
CA CYS B 52 -9.17 7.38 -15.61
C CYS B 52 -8.57 7.08 -14.25
N LEU B 53 -7.95 5.91 -14.20
CA LEU B 53 -7.26 5.42 -13.04
C LEU B 53 -5.77 5.70 -13.27
N LEU B 54 -5.18 6.46 -12.36
CA LEU B 54 -3.73 6.70 -12.39
C LEU B 54 -3.05 5.71 -11.47
N ASP B 55 -2.11 4.93 -12.02
CA ASP B 55 -1.18 4.13 -11.23
C ASP B 55 0.14 4.88 -11.22
N ILE B 56 0.57 5.35 -10.06
CA ILE B 56 1.75 6.19 -9.98
C ILE B 56 2.83 5.46 -9.21
N LEU B 57 3.97 5.28 -9.86
CA LEU B 57 5.13 4.68 -9.23
C LEU B 57 6.10 5.80 -8.86
N ASP B 58 6.29 5.97 -7.57
CA ASP B 58 7.17 6.98 -6.99
C ASP B 58 8.51 6.28 -6.71
N THR B 59 9.51 6.66 -7.49
CA THR B 59 10.81 5.98 -7.46
C THR B 59 11.82 6.75 -6.62
N ALA B 60 12.89 6.06 -6.24
CA ALA B 60 13.96 6.69 -5.49
C ALA B 60 14.87 7.43 -6.46
N GLY B 61 15.34 8.60 -6.05
CA GLY B 61 16.37 9.27 -6.82
C GLY B 61 17.71 8.63 -6.51
N GLN B 62 18.09 7.65 -7.35
CA GLN B 62 19.25 6.81 -7.11
C GLN B 62 20.00 6.63 -8.41
N GLU B 63 21.33 6.60 -8.31
CA GLU B 63 22.18 6.34 -9.47
C GLU B 63 22.60 4.87 -9.58
N GLU B 64 22.52 4.12 -8.49
CA GLU B 64 22.78 2.69 -8.55
C GLU B 64 21.53 1.98 -9.07
N TYR B 65 21.65 0.67 -9.23
CA TYR B 65 20.53 -0.22 -9.50
C TYR B 65 19.92 0.02 -10.87
N SER B 66 20.78 0.17 -11.88
CA SER B 66 20.29 0.49 -13.22
C SER B 66 19.34 -0.58 -13.74
N ALA B 67 19.62 -1.85 -13.43
CA ALA B 67 18.80 -2.94 -13.95
C ALA B 67 17.39 -2.92 -13.35
N MET B 68 17.28 -2.66 -12.05
CA MET B 68 15.97 -2.55 -11.43
C MET B 68 15.21 -1.34 -11.96
N ARG B 69 15.92 -0.23 -12.16
CA ARG B 69 15.25 0.97 -12.67
CA ARG B 69 15.25 0.97 -12.66
C ARG B 69 14.84 0.82 -14.12
N ASP B 70 15.60 0.03 -14.89
CA ASP B 70 15.18 -0.28 -16.25
C ASP B 70 13.83 -0.96 -16.27
N GLN B 71 13.54 -1.84 -15.30
CA GLN B 71 12.24 -2.49 -15.35
C GLN B 71 11.10 -1.49 -15.15
N TYR B 72 11.28 -0.49 -14.28
CA TYR B 72 10.30 0.59 -14.13
CA TYR B 72 10.18 0.44 -14.19
C TYR B 72 10.05 1.29 -15.45
N MET B 73 11.13 1.52 -16.19
CA MET B 73 11.01 2.21 -17.46
C MET B 73 10.37 1.32 -18.52
N ARG B 74 10.56 0.01 -18.45
CA ARG B 74 9.90 -0.86 -19.43
C ARG B 74 8.39 -0.82 -19.27
N THR B 75 7.90 -0.88 -18.03
CA THR B 75 6.47 -0.98 -17.75
CA THR B 75 6.47 -0.97 -17.87
C THR B 75 5.77 0.38 -17.78
N GLY B 76 6.49 1.45 -17.45
CA GLY B 76 5.85 2.75 -17.38
C GLY B 76 5.36 3.21 -18.74
N GLU B 77 4.20 3.85 -18.76
CA GLU B 77 3.67 4.40 -19.99
C GLU B 77 4.06 5.85 -20.18
N GLY B 78 4.29 6.58 -19.10
CA GLY B 78 4.75 7.95 -19.20
C GLY B 78 5.58 8.30 -18.00
N PHE B 79 6.47 9.28 -18.18
CA PHE B 79 7.46 9.63 -17.16
C PHE B 79 7.38 11.10 -16.81
N LEU B 80 7.25 11.37 -15.52
CA LEU B 80 7.42 12.72 -15.01
C LEU B 80 8.88 12.83 -14.60
N CYS B 81 9.63 13.65 -15.32
CA CYS B 81 11.06 13.80 -15.09
C CYS B 81 11.25 15.09 -14.31
N VAL B 82 11.62 14.97 -13.03
CA VAL B 82 11.58 16.07 -12.08
C VAL B 82 12.98 16.54 -11.75
N PHE B 83 13.19 17.85 -11.81
CA PHE B 83 14.34 18.48 -11.18
C PHE B 83 13.82 19.56 -10.26
N ALA B 84 14.69 20.08 -9.40
CA ALA B 84 14.32 21.21 -8.54
C ALA B 84 14.99 22.47 -9.08
N ILE B 85 14.22 23.56 -9.11
CA ILE B 85 14.72 24.81 -9.70
C ILE B 85 15.87 25.42 -8.90
N ASN B 86 16.13 24.93 -7.69
CA ASN B 86 17.24 25.38 -6.87
C ASN B 86 18.31 24.30 -6.70
N ASN B 87 18.37 23.35 -7.64
CA ASN B 87 19.37 22.28 -7.58
C ASN B 87 19.88 22.08 -9.01
N THR B 88 21.01 22.73 -9.32
CA THR B 88 21.51 22.66 -10.69
C THR B 88 21.91 21.24 -11.08
N LYS B 89 22.53 20.50 -10.15
CA LYS B 89 22.88 19.12 -10.45
C LYS B 89 21.64 18.30 -10.86
N SER B 90 20.52 18.52 -10.18
CA SER B 90 19.32 17.78 -10.55
C SER B 90 18.87 18.11 -11.97
N PHE B 91 19.07 19.36 -12.42
CA PHE B 91 18.75 19.71 -13.80
C PHE B 91 19.73 19.07 -14.77
N GLU B 92 21.01 19.06 -14.42
CA GLU B 92 22.02 18.42 -15.25
C GLU B 92 21.78 16.92 -15.38
N ASP B 93 21.10 16.32 -14.40
CA ASP B 93 20.82 14.89 -14.46
C ASP B 93 19.72 14.57 -15.48
N ILE B 94 18.91 15.56 -15.85
CA ILE B 94 17.72 15.27 -16.66
C ILE B 94 18.08 14.53 -17.93
N HIS B 95 19.13 14.96 -18.63
CA HIS B 95 19.42 14.31 -19.90
C HIS B 95 19.78 12.83 -19.71
N HIS B 96 20.35 12.48 -18.56
CA HIS B 96 20.61 11.06 -18.28
C HIS B 96 19.32 10.26 -18.17
N TYR B 97 18.29 10.83 -17.52
CA TYR B 97 16.99 10.17 -17.43
C TYR B 97 16.38 9.99 -18.82
N ARG B 98 16.41 11.05 -19.65
CA ARG B 98 15.87 10.90 -20.99
C ARG B 98 16.63 9.86 -21.79
N GLU B 99 17.96 9.86 -21.71
CA GLU B 99 18.75 8.86 -22.42
C GLU B 99 18.42 7.45 -21.95
N GLN B 100 18.23 7.26 -20.63
CA GLN B 100 17.92 5.93 -20.14
C GLN B 100 16.53 5.49 -20.58
N ILE B 101 15.55 6.40 -20.54
CA ILE B 101 14.21 6.06 -20.97
C ILE B 101 14.19 5.69 -22.46
N LYS B 102 14.91 6.45 -23.28
CA LYS B 102 14.96 6.15 -24.70
C LYS B 102 15.64 4.81 -24.95
N ARG B 103 16.72 4.54 -24.22
CA ARG B 103 17.42 3.26 -24.37
C ARG B 103 16.50 2.09 -24.04
N VAL B 104 15.82 2.17 -22.89
CA VAL B 104 14.97 1.08 -22.42
C VAL B 104 13.75 0.89 -23.32
N LYS B 105 13.12 2.00 -23.74
CA LYS B 105 11.98 1.92 -24.64
C LYS B 105 12.40 1.67 -26.09
N ASP B 106 13.69 1.79 -26.40
CA ASP B 106 14.20 1.69 -27.77
C ASP B 106 13.42 2.59 -28.72
N SER B 107 13.26 3.86 -28.30
CA SER B 107 12.47 4.82 -29.07
C SER B 107 12.86 6.23 -28.67
N GLU B 108 12.76 7.14 -29.65
CA GLU B 108 12.93 8.57 -29.39
C GLU B 108 11.63 9.26 -29.05
N ASP B 109 10.51 8.55 -29.06
CA ASP B 109 9.19 9.13 -28.85
C ASP B 109 8.56 8.39 -27.68
N VAL B 110 8.79 8.90 -26.47
CA VAL B 110 8.25 8.29 -25.25
C VAL B 110 7.51 9.38 -24.49
N PRO B 111 6.28 9.15 -24.02
CA PRO B 111 5.56 10.18 -23.26
C PRO B 111 6.33 10.60 -22.02
N MET B 112 6.61 11.90 -21.91
CA MET B 112 7.45 12.46 -20.87
C MET B 112 7.07 13.92 -20.68
N VAL B 113 7.17 14.39 -19.44
CA VAL B 113 6.98 15.80 -19.11
C VAL B 113 8.15 16.22 -18.21
N LEU B 114 8.79 17.32 -18.56
CA LEU B 114 9.83 17.90 -17.72
C LEU B 114 9.20 18.81 -16.66
N VAL B 115 9.52 18.56 -15.39
CA VAL B 115 8.94 19.28 -14.26
C VAL B 115 10.06 19.98 -13.49
N GLY B 116 9.98 21.31 -13.40
CA GLY B 116 10.86 22.06 -12.54
C GLY B 116 10.14 22.39 -11.24
N ASN B 117 10.43 21.59 -10.21
CA ASN B 117 9.73 21.66 -8.92
C ASN B 117 10.40 22.66 -7.96
N LYS B 118 9.68 22.96 -6.88
CA LYS B 118 10.11 23.91 -5.85
C LYS B 118 10.09 25.34 -6.35
N CYS B 119 9.18 25.66 -7.26
CA CYS B 119 9.18 26.99 -7.86
C CYS B 119 8.72 28.07 -6.89
N ASP B 120 8.31 27.69 -5.68
CA ASP B 120 8.00 28.65 -4.62
C ASP B 120 9.24 29.23 -3.96
N LEU B 121 10.39 28.60 -4.14
CA LEU B 121 11.53 28.99 -3.33
C LEU B 121 12.33 30.12 -3.98
N PRO B 122 12.91 31.01 -3.17
CA PRO B 122 13.60 32.17 -3.71
C PRO B 122 15.09 31.92 -3.91
N SER B 123 15.46 30.66 -4.06
CA SER B 123 16.86 30.24 -4.17
C SER B 123 17.16 29.63 -5.54
N ARG B 124 16.40 30.05 -6.55
CA ARG B 124 16.53 29.49 -7.90
C ARG B 124 17.97 29.54 -8.41
N THR B 125 18.40 28.44 -9.00
CA THR B 125 19.65 28.36 -9.73
C THR B 125 19.48 27.95 -11.19
N VAL B 126 18.31 27.45 -11.58
CA VAL B 126 18.04 27.00 -12.94
C VAL B 126 16.99 27.94 -13.53
N ASP B 127 17.37 28.66 -14.59
CA ASP B 127 16.44 29.59 -15.22
C ASP B 127 15.33 28.85 -15.95
N THR B 128 14.11 29.39 -15.84
CA THR B 128 12.96 28.87 -16.58
C THR B 128 13.28 28.70 -18.07
N LYS B 129 13.93 29.70 -18.67
CA LYS B 129 14.25 29.63 -20.11
C LYS B 129 15.13 28.43 -20.43
N GLN B 130 16.11 28.12 -19.57
CA GLN B 130 17.00 27.00 -19.85
C GLN B 130 16.21 25.69 -19.87
N ALA B 131 15.25 25.55 -18.96
CA ALA B 131 14.44 24.34 -18.93
C ALA B 131 13.45 24.30 -20.09
N GLN B 132 12.82 25.44 -20.41
CA GLN B 132 11.95 25.52 -21.58
C GLN B 132 12.70 25.11 -22.85
N ASP B 133 13.92 25.62 -23.01
CA ASP B 133 14.70 25.29 -24.20
C ASP B 133 15.04 23.81 -24.25
N LEU B 134 15.39 23.22 -23.10
CA LEU B 134 15.72 21.79 -23.08
C LEU B 134 14.52 20.95 -23.46
N ALA B 135 13.35 21.26 -22.85
CA ALA B 135 12.15 20.51 -23.18
C ALA B 135 11.79 20.67 -24.64
N ARG B 136 11.90 21.89 -25.17
CA ARG B 136 11.62 22.10 -26.59
C ARG B 136 12.55 21.25 -27.45
N SER B 137 13.82 21.12 -27.03
CA SER B 137 14.78 20.32 -27.79
C SER B 137 14.42 18.83 -27.76
N TYR B 138 13.70 18.39 -26.73
CA TYR B 138 13.24 17.01 -26.64
C TYR B 138 11.86 16.81 -27.25
N GLY B 139 11.17 17.89 -27.57
CA GLY B 139 9.80 17.78 -28.04
C GLY B 139 8.81 17.39 -26.97
N ILE B 140 9.05 17.79 -25.72
CA ILE B 140 8.18 17.38 -24.62
C ILE B 140 7.72 18.62 -23.87
N PRO B 141 6.61 18.52 -23.15
CA PRO B 141 6.13 19.66 -22.34
C PRO B 141 7.03 19.93 -21.14
N PHE B 142 7.02 21.18 -20.70
CA PHE B 142 7.70 21.65 -19.51
C PHE B 142 6.70 22.39 -18.63
N ILE B 143 6.75 22.13 -17.33
CA ILE B 143 5.95 22.88 -16.37
C ILE B 143 6.74 23.09 -15.08
N GLU B 144 6.56 24.25 -14.46
CA GLU B 144 7.11 24.50 -13.13
C GLU B 144 6.03 24.22 -12.10
N THR B 145 6.44 23.59 -11.00
CA THR B 145 5.48 23.17 -9.99
C THR B 145 6.00 23.52 -8.61
N SER B 146 5.08 23.58 -7.65
CA SER B 146 5.44 23.62 -6.24
C SER B 146 4.55 22.63 -5.51
N ALA B 147 5.16 21.59 -4.93
CA ALA B 147 4.41 20.71 -4.07
C ALA B 147 3.93 21.43 -2.81
N LYS B 148 4.57 22.54 -2.47
CA LYS B 148 4.20 23.26 -1.26
C LYS B 148 2.97 24.15 -1.49
N THR B 149 2.96 24.91 -2.57
CA THR B 149 1.82 25.78 -2.84
C THR B 149 0.76 25.12 -3.70
N ARG B 150 1.05 23.95 -4.25
CA ARG B 150 0.23 23.17 -5.16
C ARG B 150 0.24 23.73 -6.58
N GLN B 151 0.98 24.82 -6.85
CA GLN B 151 1.08 25.36 -8.20
C GLN B 151 1.52 24.28 -9.17
N GLY B 152 0.72 24.09 -10.22
CA GLY B 152 1.09 23.20 -11.29
C GLY B 152 1.03 21.71 -11.02
N VAL B 153 0.62 21.26 -9.83
CA VAL B 153 0.72 19.83 -9.49
C VAL B 153 -0.24 19.00 -10.34
N ASP B 154 -1.54 19.32 -10.29
CA ASP B 154 -2.50 18.59 -11.11
C ASP B 154 -2.11 18.69 -12.57
N ASP B 155 -1.76 19.90 -13.02
CA ASP B 155 -1.46 20.11 -14.43
C ASP B 155 -0.28 19.29 -14.90
N ALA B 156 0.71 19.06 -14.03
CA ALA B 156 1.87 18.29 -14.45
C ALA B 156 1.49 16.85 -14.75
N PHE B 157 0.75 16.24 -13.83
CA PHE B 157 0.31 14.84 -14.04
C PHE B 157 -0.69 14.76 -15.18
N TYR B 158 -1.63 15.71 -15.27
CA TYR B 158 -2.61 15.65 -16.34
C TYR B 158 -1.97 15.86 -17.70
N THR B 159 -0.97 16.74 -17.79
CA THR B 159 -0.23 16.93 -19.03
C THR B 159 0.42 15.61 -19.46
N LEU B 160 0.96 14.87 -18.49
CA LEU B 160 1.58 13.59 -18.84
C LEU B 160 0.53 12.61 -19.36
N VAL B 161 -0.65 12.58 -18.74
CA VAL B 161 -1.72 11.73 -19.27
C VAL B 161 -2.05 12.13 -20.70
N ARG B 162 -2.11 13.44 -20.96
CA ARG B 162 -2.42 13.90 -22.33
C ARG B 162 -1.33 13.48 -23.30
N GLU B 163 -0.07 13.47 -22.87
CA GLU B 163 1.01 12.99 -23.74
C GLU B 163 0.86 11.51 -24.04
N ILE B 164 0.47 10.70 -23.05
CA ILE B 164 0.25 9.28 -23.30
C ILE B 164 -0.88 9.07 -24.28
N ARG B 165 -2.01 9.78 -24.09
CA ARG B 165 -3.12 9.68 -25.03
C ARG B 165 -2.67 10.04 -26.44
N LYS B 166 -1.92 11.13 -26.59
CA LYS B 166 -1.46 11.56 -27.90
C LYS B 166 -0.52 10.53 -28.53
N HIS B 167 0.38 9.96 -27.72
CA HIS B 167 1.30 8.96 -28.24
C HIS B 167 0.55 7.74 -28.74
N LYS B 168 -0.52 7.36 -28.04
CA LYS B 168 -1.32 6.21 -28.45
CA LYS B 168 -1.32 6.21 -28.45
C LYS B 168 -2.04 6.44 -29.76
N GLU B 169 -2.04 7.66 -30.29
CA GLU B 169 -2.71 7.97 -31.56
C GLU B 169 -1.76 8.03 -32.74
N LYS B 170 -0.47 7.82 -32.54
CA LYS B 170 0.48 7.70 -33.65
C LYS B 170 0.51 6.25 -34.13
N MET C 2 45.53 -6.52 21.05
CA MET C 2 44.34 -6.07 21.76
C MET C 2 43.10 -6.65 21.10
N VAL C 3 42.25 -7.30 21.89
CA VAL C 3 41.06 -7.94 21.35
C VAL C 3 40.09 -6.89 20.82
N ASN C 4 39.45 -7.22 19.71
CA ASN C 4 38.42 -6.35 19.15
C ASN C 4 37.31 -6.19 20.18
N PRO C 5 36.73 -5.01 20.33
CA PRO C 5 35.64 -4.84 21.29
C PRO C 5 34.36 -5.49 20.81
N THR C 6 33.51 -5.83 21.77
CA THR C 6 32.17 -6.34 21.49
CA THR C 6 32.18 -6.33 21.48
C THR C 6 31.14 -5.42 22.12
N VAL C 7 30.07 -5.13 21.39
CA VAL C 7 28.97 -4.31 21.88
C VAL C 7 27.67 -5.08 21.70
N PHE C 8 26.64 -4.66 22.42
CA PHE C 8 25.35 -5.32 22.34
C PHE C 8 24.26 -4.29 22.09
N PHE C 9 23.22 -4.73 21.40
CA PHE C 9 21.94 -4.04 21.29
C PHE C 9 20.89 -4.98 21.89
N ASP C 10 20.08 -4.46 22.81
CA ASP C 10 18.83 -5.10 23.20
C ASP C 10 17.72 -4.52 22.34
N ILE C 11 17.17 -5.35 21.46
CA ILE C 11 16.20 -4.93 20.46
C ILE C 11 14.82 -5.06 21.05
N ALA C 12 13.95 -4.09 20.76
CA ALA C 12 12.58 -4.10 21.24
C ALA C 12 11.61 -3.91 20.08
N VAL C 13 10.40 -4.44 20.26
CA VAL C 13 9.32 -4.35 19.29
C VAL C 13 8.17 -3.62 19.99
N ASP C 14 7.86 -2.40 19.54
CA ASP C 14 6.91 -1.55 20.27
C ASP C 14 7.19 -1.56 21.77
N GLY C 15 8.46 -1.50 22.15
CA GLY C 15 8.87 -1.43 23.53
C GLY C 15 9.05 -2.75 24.25
N GLU C 16 8.58 -3.86 23.67
CA GLU C 16 8.71 -5.16 24.34
C GLU C 16 9.99 -5.85 23.88
N PRO C 17 10.73 -6.48 24.79
CA PRO C 17 12.01 -7.09 24.40
C PRO C 17 11.84 -8.17 23.34
N LEU C 18 12.67 -8.11 22.32
CA LEU C 18 12.75 -9.13 21.28
C LEU C 18 13.93 -10.05 21.55
N GLY C 19 15.12 -9.49 21.71
CA GLY C 19 16.31 -10.28 21.99
C GLY C 19 17.53 -9.39 21.87
N ARG C 20 18.68 -9.97 22.17
CA ARG C 20 19.95 -9.27 22.13
C ARG C 20 20.75 -9.66 20.90
N VAL C 21 21.36 -8.67 20.25
CA VAL C 21 22.33 -8.87 19.18
C VAL C 21 23.64 -8.32 19.69
N SER C 22 24.71 -9.10 19.59
CA SER C 22 26.03 -8.59 19.90
C SER C 22 26.88 -8.54 18.64
N PHE C 23 27.87 -7.65 18.66
CA PHE C 23 28.70 -7.40 17.48
C PHE C 23 30.17 -7.41 17.86
N GLU C 24 30.99 -8.02 17.01
CA GLU C 24 32.43 -7.81 17.08
C GLU C 24 32.75 -6.61 16.21
N LEU C 25 33.48 -5.63 16.76
CA LEU C 25 33.89 -4.45 16.01
C LEU C 25 35.34 -4.62 15.62
N PHE C 26 35.63 -4.45 14.33
CA PHE C 26 36.95 -4.76 13.78
C PHE C 26 37.90 -3.57 13.98
N ALA C 27 38.18 -3.29 15.25
CA ALA C 27 39.13 -2.23 15.57
C ALA C 27 40.52 -2.53 15.03
N ASP C 28 40.85 -3.81 14.85
CA ASP C 28 42.16 -4.18 14.31
C ASP C 28 42.35 -3.72 12.87
N LYS C 29 41.27 -3.63 12.11
CA LYS C 29 41.37 -3.26 10.69
C LYS C 29 40.76 -1.92 10.35
N VAL C 30 39.78 -1.46 11.12
CA VAL C 30 39.01 -0.25 10.80
CA VAL C 30 39.06 -0.24 10.79
C VAL C 30 38.87 0.53 12.10
N PRO C 31 39.97 0.98 12.72
CA PRO C 31 39.88 1.49 14.10
C PRO C 31 38.99 2.72 14.29
N LYS C 32 39.06 3.71 13.39
CA LYS C 32 38.29 4.94 13.59
C LYS C 32 36.80 4.67 13.49
N THR C 33 36.41 3.81 12.55
CA THR C 33 35.00 3.51 12.34
C THR C 33 34.49 2.61 13.45
N ALA C 34 35.30 1.64 13.88
CA ALA C 34 34.93 0.81 15.01
C ALA C 34 34.76 1.64 16.27
N GLU C 35 35.67 2.60 16.50
CA GLU C 35 35.60 3.40 17.72
C GLU C 35 34.34 4.28 17.74
N ASN C 36 33.95 4.83 16.61
CA ASN C 36 32.70 5.59 16.53
C ASN C 36 31.52 4.74 16.97
N PHE C 37 31.40 3.53 16.40
CA PHE C 37 30.24 2.68 16.73
C PHE C 37 30.29 2.25 18.19
N ARG C 38 31.49 1.95 18.70
CA ARG C 38 31.63 1.57 20.11
C ARG C 38 31.14 2.68 21.02
N ALA C 39 31.63 3.91 20.80
CA ALA C 39 31.28 5.03 21.66
C ALA C 39 29.80 5.38 21.53
N LEU C 40 29.24 5.28 20.32
CA LEU C 40 27.82 5.54 20.18
C LEU C 40 27.00 4.47 20.89
N SER C 41 27.53 3.25 21.01
CA SER C 41 26.83 2.18 21.70
C SER C 41 26.88 2.34 23.20
N THR C 42 27.96 2.90 23.76
CA THR C 42 27.98 3.12 25.20
C THR C 42 27.30 4.42 25.59
N GLY C 43 27.14 5.35 24.65
CA GLY C 43 26.63 6.67 24.98
C GLY C 43 27.59 7.56 25.74
N GLU C 44 28.87 7.20 25.79
CA GLU C 44 29.80 7.90 26.68
C GLU C 44 30.06 9.34 26.27
N LYS C 45 29.75 9.73 25.04
CA LYS C 45 29.94 11.11 24.61
C LYS C 45 28.72 11.98 24.92
N GLY C 46 27.67 11.41 25.49
CA GLY C 46 26.46 12.13 25.81
C GLY C 46 25.33 11.95 24.81
N PHE C 47 25.54 11.12 23.79
CA PHE C 47 24.58 10.84 22.73
C PHE C 47 24.91 9.47 22.15
N GLY C 48 23.97 8.89 21.43
CA GLY C 48 24.26 7.61 20.79
C GLY C 48 23.00 6.84 20.47
N TYR C 49 23.18 5.53 20.28
CA TYR C 49 22.15 4.71 19.66
C TYR C 49 20.97 4.42 20.58
N LYS C 50 21.13 4.49 21.90
CA LYS C 50 20.07 4.05 22.79
C LYS C 50 18.78 4.81 22.51
N GLY C 51 17.70 4.06 22.25
CA GLY C 51 16.40 4.60 21.96
C GLY C 51 16.11 4.72 20.48
N SER C 52 17.13 4.64 19.63
CA SER C 52 16.92 4.87 18.22
C SER C 52 16.30 3.65 17.55
N CYS C 53 15.81 3.86 16.34
CA CYS C 53 14.96 2.94 15.59
CA CYS C 53 15.03 2.83 15.68
C CYS C 53 15.73 2.31 14.43
N PHE C 54 15.38 1.07 14.10
CA PHE C 54 15.73 0.47 12.82
C PHE C 54 14.61 0.90 11.86
N HIS C 55 14.85 1.99 11.14
CA HIS C 55 13.79 2.61 10.35
C HIS C 55 13.58 1.95 8.99
N ARG C 56 14.54 1.18 8.50
CA ARG C 56 14.42 0.61 7.16
C ARG C 56 14.89 -0.85 7.22
N ILE C 57 13.97 -1.77 7.00
CA ILE C 57 14.28 -3.20 7.04
C ILE C 57 13.71 -3.81 5.77
N ILE C 58 14.59 -4.32 4.91
CA ILE C 58 14.16 -4.90 3.65
C ILE C 58 14.58 -6.36 3.59
N PRO C 59 13.61 -7.28 3.65
CA PRO C 59 13.95 -8.71 3.67
C PRO C 59 14.77 -9.10 2.46
N GLY C 60 15.78 -9.93 2.70
CA GLY C 60 16.70 -10.34 1.67
C GLY C 60 17.91 -9.45 1.55
N PHE C 61 17.93 -8.29 2.24
CA PHE C 61 19.01 -7.33 2.11
C PHE C 61 19.61 -6.88 3.42
N MET C 62 18.89 -6.10 4.23
CA MET C 62 19.55 -5.50 5.39
C MET C 62 18.53 -4.92 6.37
N CYS C 63 19.02 -4.69 7.59
CA CYS C 63 18.34 -3.89 8.61
C CYS C 63 19.18 -2.64 8.84
N GLN C 64 18.59 -1.47 8.61
CA GLN C 64 19.29 -0.20 8.72
C GLN C 64 18.71 0.61 9.88
N GLY C 65 19.59 1.21 10.68
CA GLY C 65 19.19 2.04 11.79
C GLY C 65 20.19 3.12 12.13
N GLY C 66 20.03 3.75 13.29
CA GLY C 66 21.04 4.62 13.84
C GLY C 66 20.80 6.12 13.76
N ASP C 67 19.61 6.58 13.37
CA ASP C 67 19.32 8.03 13.35
C ASP C 67 18.80 8.45 14.73
N PHE C 68 19.71 8.91 15.59
CA PHE C 68 19.33 9.38 16.92
C PHE C 68 19.20 10.90 17.02
N THR C 69 19.45 11.63 15.93
CA THR C 69 19.31 13.08 15.97
C THR C 69 18.00 13.60 15.40
N ARG C 70 17.55 13.07 14.25
CA ARG C 70 16.30 13.50 13.66
C ARG C 70 15.18 12.50 13.83
N HIS C 71 15.50 11.25 14.13
CA HIS C 71 14.49 10.24 14.43
C HIS C 71 13.61 9.96 13.23
N ASN C 72 14.10 10.22 12.00
CA ASN C 72 13.29 10.06 10.80
C ASN C 72 14.04 9.42 9.63
N GLY C 73 15.26 8.91 9.84
CA GLY C 73 16.02 8.28 8.79
C GLY C 73 16.92 9.20 7.99
N THR C 74 16.94 10.49 8.31
CA THR C 74 17.79 11.42 7.61
C THR C 74 18.98 11.91 8.43
N GLY C 75 19.01 11.63 9.74
CA GLY C 75 19.96 12.22 10.63
C GLY C 75 21.01 11.26 11.12
N GLY C 76 21.57 11.59 12.28
CA GLY C 76 22.70 10.93 12.88
C GLY C 76 23.95 11.80 12.82
N LYS C 77 24.91 11.48 13.68
CA LYS C 77 26.18 12.17 13.72
C LYS C 77 27.20 11.23 14.32
N SER C 78 28.46 11.46 14.01
CA SER C 78 29.53 10.64 14.56
C SER C 78 30.13 11.32 15.79
N ILE C 79 31.05 10.61 16.43
CA ILE C 79 31.79 11.21 17.54
C ILE C 79 32.84 12.20 17.06
N TYR C 80 33.05 12.31 15.75
CA TYR C 80 34.08 13.17 15.18
C TYR C 80 33.50 14.43 14.56
N GLY C 81 32.20 14.64 14.66
CA GLY C 81 31.48 15.64 13.90
C GLY C 81 30.34 15.02 13.14
N GLU C 82 29.68 15.85 12.34
CA GLU C 82 28.51 15.36 11.61
C GLU C 82 28.88 14.21 10.68
N LYS C 83 30.05 14.26 10.05
CA LYS C 83 30.45 13.24 9.10
C LYS C 83 31.94 12.96 9.24
N PHE C 84 32.35 11.76 8.84
CA PHE C 84 33.77 11.44 8.76
C PHE C 84 34.07 10.64 7.51
N GLU C 85 35.34 10.63 7.11
CA GLU C 85 35.73 10.04 5.83
C GLU C 85 35.65 8.53 5.85
N ASP C 86 35.51 7.95 4.66
CA ASP C 86 35.63 6.50 4.53
C ASP C 86 37.03 6.06 4.89
N GLU C 87 37.13 5.18 5.88
CA GLU C 87 38.42 4.86 6.47
C GLU C 87 39.23 3.95 5.57
N ASN C 88 38.60 2.89 5.08
CA ASN C 88 39.21 1.96 4.13
C ASN C 88 38.08 1.06 3.64
N PHE C 89 38.38 0.31 2.59
CA PHE C 89 37.45 -0.68 2.04
C PHE C 89 38.04 -2.08 2.08
N ILE C 90 38.80 -2.38 3.14
CA ILE C 90 39.46 -3.69 3.26
C ILE C 90 38.43 -4.81 3.24
N LEU C 91 37.37 -4.66 4.03
CA LEU C 91 36.42 -5.73 4.23
C LEU C 91 35.19 -5.54 3.36
N LYS C 92 34.55 -6.67 3.03
CA LYS C 92 33.46 -6.72 2.08
C LYS C 92 32.17 -7.21 2.72
N HIS C 93 31.08 -6.97 2.00
CA HIS C 93 29.73 -7.33 2.43
C HIS C 93 29.49 -8.78 2.02
N THR C 94 30.09 -9.69 2.80
CA THR C 94 30.27 -11.08 2.35
C THR C 94 29.05 -11.94 2.61
N GLY C 95 28.15 -11.54 3.50
CA GLY C 95 27.02 -12.38 3.82
C GLY C 95 26.30 -11.91 5.06
N PRO C 96 25.37 -12.73 5.57
CA PRO C 96 24.54 -12.33 6.71
C PRO C 96 25.38 -11.97 7.92
N GLY C 97 25.00 -10.88 8.58
CA GLY C 97 25.63 -10.48 9.81
C GLY C 97 26.68 -9.39 9.66
N ILE C 98 27.11 -9.05 8.45
CA ILE C 98 28.12 -8.01 8.28
C ILE C 98 27.52 -6.66 8.69
N LEU C 99 28.28 -5.89 9.46
CA LEU C 99 27.91 -4.57 9.94
C LEU C 99 28.70 -3.51 9.18
N SER C 100 27.98 -2.55 8.61
CA SER C 100 28.58 -1.61 7.68
C SER C 100 27.95 -0.24 7.86
N MET C 101 28.67 0.81 7.44
CA MET C 101 28.18 2.18 7.58
C MET C 101 27.24 2.55 6.44
N ALA C 102 26.08 3.12 6.80
CA ALA C 102 25.23 3.77 5.82
C ALA C 102 25.87 5.11 5.44
N ASN C 103 25.50 5.65 4.28
CA ASN C 103 26.06 6.93 3.88
C ASN C 103 25.21 7.55 2.78
N ALA C 104 25.56 8.78 2.43
CA ALA C 104 24.94 9.51 1.33
C ALA C 104 25.98 9.86 0.27
N GLY C 105 26.87 8.92 -0.02
CA GLY C 105 27.97 9.18 -0.91
C GLY C 105 29.31 9.20 -0.21
N PRO C 106 30.38 9.46 -0.95
CA PRO C 106 31.73 9.38 -0.38
C PRO C 106 31.92 10.24 0.85
N ASN C 107 32.54 9.67 1.88
CA ASN C 107 33.01 10.43 3.03
C ASN C 107 31.87 11.14 3.77
N THR C 108 30.76 10.42 3.99
CA THR C 108 29.61 10.98 4.68
C THR C 108 29.17 10.07 5.82
N ASN C 109 30.10 9.34 6.43
CA ASN C 109 29.74 8.47 7.54
C ASN C 109 29.30 9.30 8.73
N GLY C 110 28.24 8.86 9.39
CA GLY C 110 27.73 9.56 10.55
C GLY C 110 27.52 8.56 11.67
N SER C 111 26.26 8.24 11.94
CA SER C 111 25.93 7.15 12.84
C SER C 111 25.11 6.04 12.20
N GLN C 112 24.41 6.31 11.11
CA GLN C 112 23.57 5.27 10.53
C GLN C 112 24.44 4.12 10.04
N PHE C 113 23.91 2.91 10.20
CA PHE C 113 24.63 1.69 9.90
C PHE C 113 23.59 0.68 9.39
N PHE C 114 24.07 -0.44 8.88
CA PHE C 114 23.16 -1.50 8.50
C PHE C 114 23.80 -2.85 8.77
N ILE C 115 22.94 -3.84 9.01
CA ILE C 115 23.33 -5.22 9.19
C ILE C 115 22.85 -5.98 7.96
N CYS C 116 23.79 -6.57 7.23
CA CYS C 116 23.41 -7.36 6.06
C CYS C 116 22.66 -8.60 6.50
N THR C 117 21.64 -8.98 5.74
CA THR C 117 21.03 -10.28 5.92
C THR C 117 21.33 -11.22 4.76
N ALA C 118 22.13 -10.77 3.81
CA ALA C 118 22.62 -11.56 2.69
C ALA C 118 23.89 -10.90 2.20
N LYS C 119 24.58 -11.57 1.28
CA LYS C 119 25.69 -10.94 0.58
C LYS C 119 25.17 -9.76 -0.23
N THR C 120 25.82 -8.60 -0.08
CA THR C 120 25.42 -7.38 -0.80
C THR C 120 26.66 -6.78 -1.48
N GLU C 121 27.19 -7.52 -2.45
CA GLU C 121 28.51 -7.20 -2.98
C GLU C 121 28.55 -5.89 -3.76
N TRP C 122 27.43 -5.38 -4.26
CA TRP C 122 27.44 -4.11 -4.96
C TRP C 122 27.75 -2.94 -4.03
N LEU C 123 27.70 -3.15 -2.71
CA LEU C 123 28.06 -2.12 -1.77
C LEU C 123 29.56 -2.11 -1.48
N ASP C 124 30.31 -3.12 -1.91
CA ASP C 124 31.73 -3.18 -1.64
C ASP C 124 32.43 -1.99 -2.27
N GLY C 125 33.34 -1.38 -1.52
CA GLY C 125 34.05 -0.21 -2.00
C GLY C 125 33.26 1.07 -1.91
N LYS C 126 32.03 1.02 -1.44
CA LYS C 126 31.21 2.21 -1.27
CA LYS C 126 31.21 2.21 -1.27
C LYS C 126 30.75 2.43 0.16
N HIS C 127 30.60 1.37 0.93
CA HIS C 127 30.24 1.43 2.34
C HIS C 127 31.32 0.72 3.14
N VAL C 128 31.73 1.34 4.25
CA VAL C 128 32.82 0.82 5.06
C VAL C 128 32.28 -0.26 6.00
N VAL C 129 32.73 -1.49 5.80
CA VAL C 129 32.46 -2.63 6.67
C VAL C 129 33.39 -2.55 7.87
N PHE C 130 32.81 -2.71 9.07
CA PHE C 130 33.62 -2.53 10.27
C PHE C 130 33.28 -3.51 11.39
N GLY C 131 32.36 -4.45 11.18
CA GLY C 131 32.09 -5.41 12.23
C GLY C 131 31.19 -6.50 11.73
N LYS C 132 30.77 -7.36 12.66
CA LYS C 132 29.87 -8.45 12.29
C LYS C 132 29.09 -8.88 13.52
N VAL C 133 27.89 -9.42 13.28
CA VAL C 133 27.13 -10.04 14.36
C VAL C 133 27.93 -11.20 14.95
N LYS C 134 27.98 -11.24 16.28
CA LYS C 134 28.64 -12.31 17.00
C LYS C 134 27.54 -13.27 17.45
N GLU C 135 26.73 -12.86 18.41
CA GLU C 135 25.57 -13.65 18.81
C GLU C 135 24.29 -12.92 18.46
N GLY C 136 23.24 -13.69 18.20
CA GLY C 136 21.94 -13.12 17.94
C GLY C 136 21.58 -12.97 16.47
N MET C 137 22.21 -13.71 15.56
CA MET C 137 21.72 -13.70 14.19
C MET C 137 20.25 -14.09 14.12
N ASN C 138 19.79 -14.98 15.02
CA ASN C 138 18.38 -15.34 15.01
C ASN C 138 17.51 -14.13 15.34
N ILE C 139 18.02 -13.19 16.16
CA ILE C 139 17.30 -11.96 16.45
C ILE C 139 17.26 -11.04 15.23
N VAL C 140 18.38 -10.93 14.51
CA VAL C 140 18.39 -10.19 13.25
C VAL C 140 17.38 -10.77 12.26
N GLU C 141 17.32 -12.12 12.18
CA GLU C 141 16.36 -12.76 11.28
C GLU C 141 14.93 -12.42 11.68
N ALA C 142 14.67 -12.33 13.00
CA ALA C 142 13.35 -11.93 13.45
C ALA C 142 13.06 -10.48 13.07
N MET C 143 14.04 -9.59 13.26
CA MET C 143 13.86 -8.20 12.86
C MET C 143 13.49 -8.11 11.39
N GLU C 144 14.17 -8.93 10.57
CA GLU C 144 13.97 -8.88 9.13
C GLU C 144 12.53 -9.21 8.77
N ARG C 145 11.88 -10.08 9.53
CA ARG C 145 10.48 -10.42 9.28
C ARG C 145 9.51 -9.27 9.53
N PHE C 146 9.93 -8.22 10.23
CA PHE C 146 9.08 -7.04 10.37
C PHE C 146 9.21 -6.07 9.19
N GLY C 147 10.09 -6.34 8.24
CA GLY C 147 10.33 -5.41 7.15
C GLY C 147 9.41 -5.66 5.97
N SER C 148 9.70 -4.95 4.88
CA SER C 148 8.88 -4.99 3.68
C SER C 148 9.71 -4.50 2.53
N ARG C 149 9.13 -4.60 1.33
CA ARG C 149 9.84 -4.27 0.10
C ARG C 149 10.37 -2.85 0.10
N ASN C 150 9.62 -1.90 0.69
CA ASN C 150 10.08 -0.52 0.74
C ASN C 150 10.75 -0.15 2.05
N GLY C 151 10.94 -1.12 2.95
CA GLY C 151 11.68 -0.89 4.16
C GLY C 151 10.85 -0.50 5.35
N LYS C 152 9.59 -0.11 5.16
CA LYS C 152 8.77 0.25 6.31
C LYS C 152 8.46 -0.99 7.13
N THR C 153 8.50 -0.84 8.46
CA THR C 153 8.34 -1.97 9.35
C THR C 153 6.91 -2.05 9.87
N SER C 154 6.48 -3.28 10.16
CA SER C 154 5.11 -3.53 10.58
C SER C 154 4.87 -3.21 12.04
N LYS C 155 5.95 -3.18 12.83
CA LYS C 155 5.96 -2.65 14.18
C LYS C 155 7.25 -1.87 14.35
N LYS C 156 7.34 -1.09 15.42
CA LYS C 156 8.49 -0.23 15.59
C LYS C 156 9.62 -0.98 16.27
N ILE C 157 10.76 -1.07 15.58
CA ILE C 157 11.89 -1.87 16.01
C ILE C 157 12.94 -0.89 16.52
N THR C 158 13.29 -0.98 17.82
CA THR C 158 14.20 -0.03 18.42
C THR C 158 15.35 -0.72 19.16
N ILE C 159 16.38 0.09 19.43
CA ILE C 159 17.48 -0.27 20.32
C ILE C 159 17.06 0.21 21.72
N ALA C 160 16.46 -0.69 22.50
CA ALA C 160 16.01 -0.31 23.83
C ALA C 160 17.17 -0.10 24.80
N ASP C 161 18.24 -0.85 24.63
CA ASP C 161 19.44 -0.66 25.41
C ASP C 161 20.62 -1.07 24.56
N CYS C 162 21.79 -0.58 24.93
CA CYS C 162 23.01 -0.92 24.22
C CYS C 162 24.20 -0.56 25.08
N GLY C 163 25.32 -1.21 24.79
CA GLY C 163 26.51 -0.98 25.58
C GLY C 163 27.66 -1.82 25.09
N GLN C 164 28.75 -1.80 25.86
CA GLN C 164 29.95 -2.56 25.54
C GLN C 164 30.07 -3.73 26.50
N LEU C 165 30.38 -4.91 25.95
CA LEU C 165 30.61 -6.08 26.78
C LEU C 165 32.08 -6.17 27.16
N GLU C 166 32.35 -6.82 28.29
CA GLU C 166 33.71 -6.98 28.76
C GLU C 166 34.52 -7.78 27.73
N SER D 1 -38.77 16.77 14.86
CA SER D 1 -39.90 16.03 14.34
C SER D 1 -40.86 15.71 15.46
N MET D 2 -42.15 15.64 15.11
CA MET D 2 -43.16 15.22 16.06
C MET D 2 -43.36 13.71 16.06
N VAL D 3 -42.79 12.98 15.10
CA VAL D 3 -42.99 11.54 14.96
C VAL D 3 -41.67 10.76 14.94
N ASN D 4 -40.63 11.35 14.34
CA ASN D 4 -39.39 10.60 14.12
C ASN D 4 -38.41 10.83 15.26
N PRO D 5 -37.87 9.75 15.85
CA PRO D 5 -36.88 9.91 16.91
C PRO D 5 -35.60 10.53 16.38
N THR D 6 -34.91 11.24 17.28
CA THR D 6 -33.56 11.74 17.02
C THR D 6 -32.61 11.01 17.95
N VAL D 7 -31.53 10.47 17.37
CA VAL D 7 -30.47 9.84 18.16
C VAL D 7 -29.17 10.56 17.86
N PHE D 8 -28.19 10.38 18.73
CA PHE D 8 -26.89 11.00 18.55
C PHE D 8 -25.76 9.99 18.72
N PHE D 9 -24.67 10.26 18.02
CA PHE D 9 -23.38 9.61 18.23
C PHE D 9 -22.39 10.71 18.60
N ASP D 10 -21.66 10.52 19.69
CA ASP D 10 -20.45 11.29 19.97
C ASP D 10 -19.26 10.54 19.39
N ILE D 11 -18.65 11.10 18.36
CA ILE D 11 -17.58 10.46 17.62
C ILE D 11 -16.25 10.78 18.28
N ALA D 12 -15.36 9.78 18.33
CA ALA D 12 -14.04 9.96 18.89
C ALA D 12 -13.00 9.48 17.90
N VAL D 13 -11.83 10.09 17.97
CA VAL D 13 -10.68 9.76 17.13
C VAL D 13 -9.59 9.34 18.09
N ASP D 14 -9.23 8.05 18.07
CA ASP D 14 -8.30 7.48 19.06
C ASP D 14 -8.67 7.92 20.48
N GLY D 15 -9.97 7.89 20.79
CA GLY D 15 -10.47 8.24 22.09
C GLY D 15 -10.76 9.72 22.31
N GLU D 16 -10.26 10.60 21.44
CA GLU D 16 -10.45 12.03 21.64
C GLU D 16 -11.76 12.48 20.98
N PRO D 17 -12.56 13.31 21.66
CA PRO D 17 -13.84 13.73 21.07
C PRO D 17 -13.61 14.53 19.80
N LEU D 18 -14.32 14.14 18.74
CA LEU D 18 -14.37 14.90 17.50
C LEU D 18 -15.60 15.78 17.44
N GLY D 19 -16.75 15.24 17.79
CA GLY D 19 -17.98 16.00 17.77
C GLY D 19 -19.18 15.08 17.74
N ARG D 20 -20.35 15.72 17.76
CA ARG D 20 -21.61 15.01 17.83
C ARG D 20 -22.30 15.02 16.48
N VAL D 21 -22.80 13.85 16.07
CA VAL D 21 -23.66 13.71 14.90
C VAL D 21 -25.02 13.24 15.40
N SER D 22 -26.08 13.95 15.02
CA SER D 22 -27.43 13.51 15.33
C SER D 22 -28.13 13.08 14.05
N PHE D 23 -29.09 12.19 14.20
CA PHE D 23 -29.79 11.59 13.08
C PHE D 23 -31.29 11.63 13.33
N GLU D 24 -32.05 11.99 12.30
CA GLU D 24 -33.48 11.76 12.30
C GLU D 24 -33.72 10.37 11.75
N LEU D 25 -34.46 9.55 12.49
CA LEU D 25 -34.75 8.19 12.07
C LEU D 25 -36.17 8.17 11.56
N PHE D 26 -36.36 7.71 10.32
CA PHE D 26 -37.64 7.88 9.63
C PHE D 26 -38.60 6.76 10.04
N ALA D 27 -38.97 6.79 11.33
CA ALA D 27 -39.93 5.80 11.83
C ALA D 27 -41.28 5.94 11.15
N ASP D 28 -41.60 7.14 10.66
CA ASP D 28 -42.86 7.33 9.95
C ASP D 28 -42.97 6.45 8.71
N LYS D 29 -41.85 6.21 8.01
CA LYS D 29 -41.88 5.46 6.76
C LYS D 29 -41.18 4.11 6.85
N VAL D 30 -40.25 3.95 7.77
CA VAL D 30 -39.44 2.73 7.87
C VAL D 30 -39.39 2.33 9.34
N PRO D 31 -40.53 1.98 9.95
CA PRO D 31 -40.56 1.89 11.42
C PRO D 31 -39.72 0.79 12.02
N LYS D 32 -39.72 -0.41 11.44
CA LYS D 32 -38.97 -1.51 12.06
CA LYS D 32 -38.96 -1.50 12.06
C LYS D 32 -37.47 -1.24 12.00
N THR D 33 -37.00 -0.68 10.88
CA THR D 33 -35.58 -0.42 10.72
C THR D 33 -35.15 0.76 11.57
N ALA D 34 -35.99 1.80 11.63
CA ALA D 34 -35.69 2.93 12.50
C ALA D 34 -35.67 2.52 13.96
N GLU D 35 -36.60 1.66 14.38
CA GLU D 35 -36.65 1.23 15.77
C GLU D 35 -35.42 0.43 16.16
N ASN D 36 -34.94 -0.45 15.27
CA ASN D 36 -33.70 -1.17 15.54
C ASN D 36 -32.54 -0.19 15.82
N PHE D 37 -32.36 0.79 14.93
CA PHE D 37 -31.27 1.74 15.12
C PHE D 37 -31.45 2.57 16.39
N ARG D 38 -32.68 2.99 16.68
CA ARG D 38 -32.95 3.74 17.90
C ARG D 38 -32.55 2.92 19.12
N ALA D 39 -33.02 1.68 19.19
CA ALA D 39 -32.74 0.83 20.36
C ALA D 39 -31.26 0.50 20.48
N LEU D 40 -30.57 0.30 19.34
CA LEU D 40 -29.14 0.03 19.42
C LEU D 40 -28.38 1.27 19.84
N SER D 41 -28.92 2.46 19.53
CA SER D 41 -28.30 3.70 19.96
C SER D 41 -28.49 3.97 21.46
N THR D 42 -29.62 3.54 22.05
CA THR D 42 -29.80 3.74 23.48
C THR D 42 -29.18 2.62 24.31
N GLY D 43 -28.93 1.46 23.69
CA GLY D 43 -28.45 0.30 24.40
C GLY D 43 -29.47 -0.37 25.29
N GLU D 44 -30.75 -0.03 25.13
CA GLU D 44 -31.76 -0.44 26.08
C GLU D 44 -32.01 -1.94 26.08
N LYS D 45 -31.60 -2.67 25.03
CA LYS D 45 -31.74 -4.11 25.01
C LYS D 45 -30.55 -4.82 25.67
N GLY D 46 -29.54 -4.08 26.10
CA GLY D 46 -28.37 -4.64 26.74
C GLY D 46 -27.17 -4.72 25.83
N PHE D 47 -27.30 -4.28 24.57
CA PHE D 47 -26.23 -4.28 23.61
C PHE D 47 -26.49 -3.12 22.65
N GLY D 48 -25.49 -2.75 21.86
CA GLY D 48 -25.71 -1.72 20.87
C GLY D 48 -24.40 -1.05 20.46
N TYR D 49 -24.55 0.14 19.90
CA TYR D 49 -23.46 0.78 19.18
C TYR D 49 -22.36 1.36 20.06
N LYS D 50 -22.64 1.63 21.33
CA LYS D 50 -21.67 2.36 22.14
C LYS D 50 -20.35 1.61 22.22
N GLY D 51 -19.27 2.28 21.82
CA GLY D 51 -17.93 1.70 21.82
C GLY D 51 -17.50 1.17 20.47
N SER D 52 -18.43 0.97 19.54
CA SER D 52 -18.09 0.34 18.27
C SER D 52 -17.40 1.34 17.34
N CYS D 53 -16.83 0.83 16.26
CA CYS D 53 -15.91 1.54 15.38
CA CYS D 53 -16.02 1.70 15.44
C CYS D 53 -16.57 1.80 14.02
N PHE D 54 -16.16 2.89 13.37
CA PHE D 54 -16.41 3.07 11.95
C PHE D 54 -15.25 2.40 11.24
N HIS D 55 -15.45 1.16 10.82
CA HIS D 55 -14.34 0.36 10.32
C HIS D 55 -14.01 0.63 8.87
N ARG D 56 -14.92 1.21 8.09
CA ARG D 56 -14.70 1.45 6.67
C ARG D 56 -15.13 2.87 6.32
N ILE D 57 -14.18 3.72 5.94
CA ILE D 57 -14.45 5.11 5.60
C ILE D 57 -13.79 5.37 4.26
N ILE D 58 -14.60 5.60 3.23
CA ILE D 58 -14.07 5.84 1.88
C ILE D 58 -14.48 7.23 1.43
N PRO D 59 -13.52 8.15 1.32
CA PRO D 59 -13.87 9.52 0.92
C PRO D 59 -14.58 9.55 -0.42
N GLY D 60 -15.60 10.39 -0.50
CA GLY D 60 -16.42 10.47 -1.68
C GLY D 60 -17.60 9.53 -1.70
N PHE D 61 -17.68 8.60 -0.73
CA PHE D 61 -18.75 7.61 -0.75
C PHE D 61 -19.50 7.49 0.57
N MET D 62 -18.85 7.00 1.62
CA MET D 62 -19.61 6.74 2.83
CA MET D 62 -19.61 6.69 2.82
C MET D 62 -18.68 6.41 3.99
N CYS D 63 -19.26 6.49 5.20
CA CYS D 63 -18.65 6.02 6.45
C CYS D 63 -19.51 4.88 6.97
N GLN D 64 -18.89 3.72 7.18
CA GLN D 64 -19.64 2.52 7.58
C GLN D 64 -19.17 2.06 8.97
N GLY D 65 -20.14 1.67 9.80
CA GLY D 65 -19.82 1.18 11.13
C GLY D 65 -20.87 0.23 11.66
N GLY D 66 -20.86 -0.01 12.97
CA GLY D 66 -21.93 -0.74 13.63
C GLY D 66 -21.68 -2.19 13.99
N ASP D 67 -20.45 -2.71 13.85
CA ASP D 67 -20.18 -4.09 14.26
C ASP D 67 -19.78 -4.10 15.73
N PHE D 68 -20.74 -4.38 16.60
CA PHE D 68 -20.46 -4.42 18.03
C PHE D 68 -20.34 -5.85 18.57
N THR D 69 -20.37 -6.87 17.70
CA THR D 69 -20.29 -8.26 18.14
C THR D 69 -18.95 -8.89 17.81
N ARG D 70 -18.47 -8.74 16.57
CA ARG D 70 -17.16 -9.25 16.20
C ARG D 70 -16.08 -8.19 16.23
N HIS D 71 -16.47 -6.90 16.18
CA HIS D 71 -15.54 -5.79 16.28
C HIS D 71 -14.50 -5.80 15.14
N ASN D 72 -14.86 -6.36 13.98
CA ASN D 72 -13.92 -6.46 12.87
C ASN D 72 -14.57 -6.22 11.50
N GLY D 73 -15.82 -5.76 11.44
CA GLY D 73 -16.50 -5.49 10.19
C GLY D 73 -17.27 -6.67 9.61
N THR D 74 -17.26 -7.82 10.27
CA THR D 74 -18.00 -8.97 9.78
C THR D 74 -19.27 -9.25 10.58
N GLY D 75 -19.46 -8.57 11.71
CA GLY D 75 -20.48 -8.92 12.66
C GLY D 75 -21.62 -7.94 12.74
N GLY D 76 -22.38 -8.05 13.82
CA GLY D 76 -23.55 -7.22 14.03
C GLY D 76 -24.77 -8.06 14.31
N LYS D 77 -25.73 -7.45 14.96
CA LYS D 77 -26.98 -8.14 15.24
C LYS D 77 -28.03 -7.07 15.47
N SER D 78 -29.28 -7.42 15.17
CA SER D 78 -30.38 -6.51 15.34
C SER D 78 -31.09 -6.80 16.66
N ILE D 79 -32.06 -5.96 17.00
CA ILE D 79 -32.89 -6.25 18.16
C ILE D 79 -33.90 -7.36 17.89
N TYR D 80 -33.98 -7.83 16.65
CA TYR D 80 -34.93 -8.84 16.21
C TYR D 80 -34.29 -10.20 16.02
N GLY D 81 -33.00 -10.32 16.26
CA GLY D 81 -32.26 -11.50 15.92
C GLY D 81 -31.02 -11.09 15.15
N GLU D 82 -30.29 -12.10 14.67
CA GLU D 82 -29.06 -11.81 13.94
C GLU D 82 -29.33 -11.01 12.67
N LYS D 83 -30.42 -11.30 11.97
CA LYS D 83 -30.77 -10.63 10.72
C LYS D 83 -32.26 -10.34 10.70
N PHE D 84 -32.64 -9.32 9.93
CA PHE D 84 -34.05 -9.07 9.64
C PHE D 84 -34.20 -8.64 8.18
N GLU D 85 -35.43 -8.78 7.68
CA GLU D 85 -35.70 -8.59 6.27
C GLU D 85 -35.62 -7.12 5.86
N ASP D 86 -35.39 -6.91 4.57
CA ASP D 86 -35.50 -5.57 3.99
C ASP D 86 -36.93 -5.08 4.11
N GLU D 87 -37.13 -4.01 4.90
CA GLU D 87 -38.48 -3.57 5.24
C GLU D 87 -39.17 -2.93 4.04
N ASN D 88 -38.51 -1.98 3.41
CA ASN D 88 -39.05 -1.38 2.19
C ASN D 88 -37.92 -0.63 1.52
N PHE D 89 -38.16 -0.22 0.29
CA PHE D 89 -37.20 0.59 -0.45
C PHE D 89 -37.82 1.92 -0.85
N ILE D 90 -38.64 2.49 0.05
CA ILE D 90 -39.37 3.74 -0.26
C ILE D 90 -38.38 4.88 -0.47
N LEU D 91 -37.35 4.94 0.37
CA LEU D 91 -36.38 6.02 0.32
C LEU D 91 -35.13 5.62 -0.43
N LYS D 92 -34.49 6.59 -1.05
CA LYS D 92 -33.35 6.38 -1.92
C LYS D 92 -32.11 7.07 -1.37
N HIS D 93 -30.95 6.71 -1.94
CA HIS D 93 -29.66 7.25 -1.50
C HIS D 93 -29.41 8.53 -2.29
N THR D 94 -30.06 9.60 -1.84
CA THR D 94 -30.18 10.81 -2.64
C THR D 94 -29.03 11.79 -2.47
N GLY D 95 -28.17 11.62 -1.47
CA GLY D 95 -27.11 12.58 -1.26
C GLY D 95 -26.42 12.44 0.08
N PRO D 96 -25.54 13.38 0.40
CA PRO D 96 -24.82 13.34 1.68
C PRO D 96 -25.78 13.34 2.85
N GLY D 97 -25.42 12.56 3.87
CA GLY D 97 -26.17 12.52 5.11
C GLY D 97 -27.16 11.38 5.22
N ILE D 98 -27.47 10.72 4.10
CA ILE D 98 -28.41 9.61 4.13
C ILE D 98 -27.85 8.47 4.97
N LEU D 99 -28.71 7.90 5.82
CA LEU D 99 -28.34 6.83 6.74
C LEU D 99 -29.07 5.57 6.27
N SER D 100 -28.29 4.52 6.02
CA SER D 100 -28.81 3.35 5.34
C SER D 100 -28.18 2.09 5.92
N MET D 101 -28.85 0.96 5.76
CA MET D 101 -28.38 -0.30 6.35
C MET D 101 -27.34 -0.96 5.45
N ALA D 102 -26.23 -1.36 6.05
CA ALA D 102 -25.30 -2.24 5.37
C ALA D 102 -25.88 -3.66 5.34
N ASN D 103 -25.41 -4.48 4.40
CA ASN D 103 -25.93 -5.84 4.38
C ASN D 103 -25.00 -6.73 3.56
N ALA D 104 -25.30 -8.01 3.58
CA ALA D 104 -24.60 -8.99 2.76
C ALA D 104 -25.56 -9.66 1.78
N GLY D 105 -26.43 -8.87 1.16
CA GLY D 105 -27.41 -9.37 0.24
C GLY D 105 -28.81 -9.27 0.81
N PRO D 106 -29.80 -9.79 0.08
CA PRO D 106 -31.20 -9.59 0.47
C PRO D 106 -31.49 -10.11 1.88
N ASN D 107 -32.20 -9.28 2.66
CA ASN D 107 -32.77 -9.70 3.95
C ASN D 107 -31.69 -10.14 4.95
N THR D 108 -30.63 -9.35 5.05
CA THR D 108 -29.54 -9.64 5.98
C THR D 108 -29.19 -8.41 6.83
N ASN D 109 -30.16 -7.56 7.10
CA ASN D 109 -29.91 -6.42 7.98
C ASN D 109 -29.61 -6.89 9.39
N GLY D 110 -28.63 -6.26 10.01
CA GLY D 110 -28.25 -6.56 11.38
C GLY D 110 -28.14 -5.28 12.18
N SER D 111 -26.91 -4.83 12.37
CA SER D 111 -26.64 -3.54 12.97
C SER D 111 -25.77 -2.64 12.13
N GLN D 112 -24.97 -3.19 11.21
CA GLN D 112 -24.08 -2.32 10.45
C GLN D 112 -24.88 -1.39 9.56
N PHE D 113 -24.36 -0.17 9.41
CA PHE D 113 -25.06 0.90 8.74
C PHE D 113 -23.98 1.74 8.05
N PHE D 114 -24.42 2.64 7.18
CA PHE D 114 -23.48 3.57 6.60
C PHE D 114 -24.13 4.93 6.44
N ILE D 115 -23.29 5.96 6.49
CA ILE D 115 -23.70 7.35 6.28
C ILE D 115 -23.10 7.77 4.95
N CYS D 116 -23.96 8.16 4.00
CA CYS D 116 -23.47 8.58 2.69
C CYS D 116 -22.81 9.94 2.79
N THR D 117 -21.73 10.12 2.03
CA THR D 117 -21.17 11.45 1.86
C THR D 117 -21.35 11.96 0.43
N ALA D 118 -22.11 11.24 -0.38
CA ALA D 118 -22.46 11.59 -1.74
C ALA D 118 -23.69 10.80 -2.11
N LYS D 119 -24.27 11.12 -3.25
CA LYS D 119 -25.34 10.31 -3.78
C LYS D 119 -24.77 8.94 -4.17
N THR D 120 -25.45 7.87 -3.74
CA THR D 120 -25.00 6.50 -4.06
C THR D 120 -26.18 5.72 -4.64
N GLU D 121 -26.64 6.14 -5.81
CA GLU D 121 -27.91 5.64 -6.35
C GLU D 121 -27.86 4.16 -6.74
N TRP D 122 -26.68 3.62 -7.01
CA TRP D 122 -26.58 2.19 -7.32
C TRP D 122 -26.95 1.30 -6.14
N LEU D 123 -27.04 1.85 -4.93
CA LEU D 123 -27.47 1.10 -3.77
C LEU D 123 -28.98 1.14 -3.60
N ASP D 124 -29.69 1.95 -4.39
CA ASP D 124 -31.14 2.04 -4.25
C ASP D 124 -31.77 0.70 -4.56
N GLY D 125 -32.73 0.31 -3.73
CA GLY D 125 -33.40 -0.96 -3.95
C GLY D 125 -32.64 -2.16 -3.42
N LYS D 126 -31.44 -1.96 -2.89
CA LYS D 126 -30.65 -3.02 -2.30
C LYS D 126 -30.28 -2.78 -0.86
N HIS D 127 -30.22 -1.53 -0.42
CA HIS D 127 -29.98 -1.17 0.97
C HIS D 127 -31.15 -0.31 1.45
N VAL D 128 -31.63 -0.59 2.64
CA VAL D 128 -32.78 0.13 3.19
C VAL D 128 -32.32 1.45 3.82
N VAL D 129 -32.80 2.56 3.25
CA VAL D 129 -32.56 3.90 3.78
C VAL D 129 -33.59 4.17 4.87
N PHE D 130 -33.13 4.65 6.02
CA PHE D 130 -34.05 4.80 7.15
C PHE D 130 -33.81 6.05 7.97
N GLY D 131 -32.90 6.92 7.58
CA GLY D 131 -32.66 8.11 8.38
C GLY D 131 -31.77 9.08 7.63
N LYS D 132 -31.45 10.17 8.32
CA LYS D 132 -30.54 11.16 7.74
CA LYS D 132 -30.56 11.18 7.73
C LYS D 132 -29.89 11.93 8.86
N VAL D 133 -28.65 12.37 8.61
CA VAL D 133 -27.98 13.26 9.54
C VAL D 133 -28.81 14.52 9.73
N LYS D 134 -29.02 14.90 10.98
CA LYS D 134 -29.76 16.12 11.32
C LYS D 134 -28.74 17.22 11.57
N GLU D 135 -27.95 17.10 12.63
CA GLU D 135 -26.86 18.03 12.89
C GLU D 135 -25.54 17.27 12.86
N GLY D 136 -24.47 18.01 12.60
CA GLY D 136 -23.14 17.44 12.63
C GLY D 136 -22.64 16.86 11.32
N MET D 137 -23.20 17.28 10.19
CA MET D 137 -22.63 16.83 8.92
C MET D 137 -21.17 17.27 8.79
N ASN D 138 -20.79 18.41 9.39
CA ASN D 138 -19.39 18.80 9.42
C ASN D 138 -18.53 17.75 10.13
N ILE D 139 -19.09 17.09 11.15
CA ILE D 139 -18.35 16.04 11.85
C ILE D 139 -18.19 14.81 10.95
N VAL D 140 -19.23 14.47 10.18
CA VAL D 140 -19.11 13.36 9.24
C VAL D 140 -18.04 13.68 8.19
N GLU D 141 -18.03 14.92 7.69
CA GLU D 141 -17.01 15.30 6.72
C GLU D 141 -15.62 15.21 7.35
N ALA D 142 -15.49 15.55 8.63
CA ALA D 142 -14.22 15.40 9.31
C ALA D 142 -13.81 13.92 9.43
N MET D 143 -14.78 13.03 9.66
CA MET D 143 -14.48 11.60 9.75
C MET D 143 -13.98 11.07 8.41
N GLU D 144 -14.61 11.55 7.33
CA GLU D 144 -14.29 11.11 5.98
C GLU D 144 -12.81 11.28 5.67
N ARG D 145 -12.17 12.29 6.28
CA ARG D 145 -10.76 12.57 6.00
CA ARG D 145 -10.76 12.56 6.00
C ARG D 145 -9.82 11.53 6.62
N PHE D 146 -10.30 10.74 7.58
CA PHE D 146 -9.49 9.67 8.15
C PHE D 146 -9.54 8.39 7.33
N GLY D 147 -10.32 8.37 6.26
CA GLY D 147 -10.48 7.19 5.45
C GLY D 147 -9.44 7.13 4.34
N SER D 148 -9.67 6.18 3.43
CA SER D 148 -8.73 5.93 2.34
C SER D 148 -9.50 5.21 1.23
N ARG D 149 -8.82 4.99 0.12
CA ARG D 149 -9.45 4.43 -1.06
C ARG D 149 -10.02 3.04 -0.80
N ASN D 150 -9.38 2.24 0.06
CA ASN D 150 -9.90 0.93 0.38
C ASN D 150 -10.69 0.90 1.69
N GLY D 151 -10.90 2.06 2.31
CA GLY D 151 -11.71 2.17 3.50
C GLY D 151 -10.97 2.07 4.80
N LYS D 152 -9.73 1.60 4.80
CA LYS D 152 -8.97 1.53 6.03
C LYS D 152 -8.74 2.93 6.59
N THR D 153 -8.90 3.07 7.91
CA THR D 153 -8.80 4.37 8.53
C THR D 153 -7.42 4.55 9.16
N SER D 154 -6.94 5.78 9.16
CA SER D 154 -5.60 6.07 9.64
C SER D 154 -5.55 6.30 11.15
N LYS D 155 -6.70 6.53 11.77
CA LYS D 155 -6.87 6.56 13.21
C LYS D 155 -8.16 5.85 13.52
N LYS D 156 -8.32 5.39 14.75
CA LYS D 156 -9.51 4.62 15.10
C LYS D 156 -10.68 5.54 15.41
N ILE D 157 -11.74 5.41 14.60
CA ILE D 157 -12.92 6.28 14.71
C ILE D 157 -14.02 5.48 15.39
N THR D 158 -14.47 5.95 16.54
CA THR D 158 -15.43 5.21 17.35
C THR D 158 -16.64 6.04 17.75
N ILE D 159 -17.68 5.33 18.17
CA ILE D 159 -18.86 5.91 18.78
C ILE D 159 -18.60 5.88 20.28
N ALA D 160 -18.10 6.99 20.83
CA ALA D 160 -17.71 7.02 22.24
C ALA D 160 -18.92 7.07 23.15
N ASP D 161 -20.03 7.62 22.69
CA ASP D 161 -21.29 7.62 23.42
C ASP D 161 -22.40 7.73 22.37
N CYS D 162 -23.59 7.30 22.74
CA CYS D 162 -24.73 7.43 21.85
C CYS D 162 -26.00 7.31 22.68
N GLY D 163 -27.08 7.82 22.13
CA GLY D 163 -28.33 7.82 22.86
C GLY D 163 -29.41 8.50 22.05
N GLN D 164 -30.55 8.71 22.71
CA GLN D 164 -31.72 9.33 22.10
C GLN D 164 -31.90 10.74 22.67
N LEU D 165 -32.20 11.69 21.78
CA LEU D 165 -32.39 13.09 22.17
C LEU D 165 -33.88 13.43 22.21
N GLU D 166 -34.13 14.69 22.55
CA GLU D 166 -35.46 15.31 22.51
C GLU D 166 -36.41 14.61 23.48
PG GNP E . -13.43 -11.05 -0.11
O1G GNP E . -12.27 -10.10 -0.08
O2G GNP E . -13.96 -11.36 -1.46
O3G GNP E . -14.56 -10.54 0.80
N3B GNP E . -12.94 -12.51 0.62
PB GNP E . -11.60 -13.35 0.17
O1B GNP E . -11.86 -14.23 -0.97
O2B GNP E . -10.40 -12.46 0.11
O3A GNP E . -11.37 -14.39 1.45
PA GNP E . -10.32 -14.23 2.62
O1A GNP E . -8.93 -14.55 2.07
O2A GNP E . -10.56 -13.00 3.36
O5' GNP E . -10.70 -15.49 3.50
C5' GNP E . -12.03 -15.63 4.05
C4' GNP E . -11.95 -16.50 5.28
O4' GNP E . -11.52 -17.83 4.89
C3' GNP E . -10.98 -16.06 6.38
O3' GNP E . -11.49 -16.39 7.67
C2' GNP E . -9.72 -16.87 6.06
O2' GNP E . -8.90 -17.11 7.19
C1' GNP E . -10.35 -18.18 5.59
N9 GNP E . -9.49 -18.93 4.67
C8 GNP E . -8.96 -18.46 3.50
N7 GNP E . -8.23 -19.36 2.88
C5 GNP E . -8.32 -20.48 3.68
C6 GNP E . -7.75 -21.79 3.53
O6 GNP E . -7.04 -22.19 2.60
N1 GNP E . -8.09 -22.62 4.58
C2 GNP E . -8.88 -22.27 5.64
N2 GNP E . -9.09 -23.21 6.57
N3 GNP E . -9.41 -21.07 5.79
C4 GNP E . -9.10 -20.23 4.78
MG MG F . -10.25 -10.42 0.16
C1 A1AZW G . -23.80 -13.62 1.66
C10 A1AZW G . -19.47 -9.43 2.99
C11 A1AZW G . -18.28 -8.83 3.77
C12 A1AZW G . -18.89 -7.85 4.76
C13 A1AZW G . -21.16 -6.79 4.91
C14 A1AZW G . -20.74 -5.49 4.25
C15 A1AZW G . -21.12 -3.97 2.40
C16 A1AZW G . -21.13 -4.29 0.90
C17 A1AZW G . -19.73 -4.45 0.33
C18 A1AZW G . -17.94 -4.14 -0.99
C19 A1AZW G . -17.42 -5.10 -0.19
C2 A1AZW G . -21.39 -13.60 1.40
C20 A1AZW G . -17.23 -3.44 -2.07
C21 A1AZW G . -16.14 -4.05 -2.72
C22 A1AZW G . -15.45 -3.39 -3.73
C23 A1AZW G . -15.86 -2.10 -4.06
C24 A1AZW G . -16.94 -1.47 -3.42
C25 A1AZW G . -17.62 -2.15 -2.40
C26 A1AZW G . -17.10 -0.17 -3.99
C27 A1AZW G . -16.13 -0.06 -4.99
C28 A1AZW G . -15.92 1.13 -5.85
C29 A1AZW G . -16.95 1.54 -6.70
C3 A1AZW G . -20.22 -14.52 1.06
C30 A1AZW G . -16.74 2.66 -7.49
C31 A1AZW G . -17.49 3.98 -9.49
C32 A1AZW G . -18.63 3.93 -10.47
C33 A1AZW G . -20.96 4.33 -10.80
C34 A1AZW G . -21.20 5.67 -11.43
C35 A1AZW G . -22.18 5.11 -10.44
C36 A1AZW G . -20.19 3.21 -8.84
C37 A1AZW G . -19.12 3.15 -7.79
C38 A1AZW G . -15.56 3.38 -7.37
C39 A1AZW G . -14.72 1.92 -5.80
C4 A1AZW G . -19.85 -15.41 2.21
C40 A1AZW G . -13.53 1.64 -4.91
C41 A1AZW G . -13.10 2.87 -4.13
C42 A1AZW G . -11.37 0.63 -4.83
C43 A1AZW G . -14.29 -1.56 -5.94
C44 A1AZW G . -14.90 -2.21 -7.15
C45 A1AZW G . -18.16 0.82 -3.59
C46 A1AZW G . -17.86 1.79 -2.44
C47 A1AZW G . -16.59 2.62 -2.68
C48 A1AZW G . -19.07 2.71 -2.28
C49 A1AZW G . -17.67 1.00 -1.15
C5 A1AZW G . -18.94 -16.58 2.00
C50 A1AZW G . -19.03 -0.14 0.42
C51 A1AZW G . -20.45 -0.59 0.71
C52 A1AZW G . -21.34 0.65 0.80
C53 A1AZW G . -22.74 0.34 1.35
C54 A1AZW G . -22.66 -0.44 2.66
C55 A1AZW G . -22.16 -2.89 2.68
C56 A1AZW G . -21.33 -6.67 6.44
C57 A1AZW G . -21.64 -8.03 7.07
C58 A1AZW G . -22.44 -5.68 6.79
C59 A1AZW G . -20.48 -8.28 3.06
C6 A1AZW G . -20.38 -16.80 2.31
C60 A1AZW G . -19.93 -10.78 3.58
C7 A1AZW G . -21.08 -12.72 2.61
C8 A1AZW G . -20.25 -10.79 1.19
C9 A1AZW G . -19.07 -9.88 1.57
F1 A1AZW G . -15.57 -3.31 -6.84
F2 A1AZW G . -15.77 -1.41 -7.76
F3 A1AZW G . -13.99 -2.56 -8.05
N1 A1AZW G . -22.57 -14.43 1.68
N10 A1AZW G . -21.76 -1.60 2.44
N11 A1AZW G . -20.47 -1.32 1.97
N2 A1AZW G . -20.49 -11.53 2.44
N3 A1AZW G . -20.33 -7.92 4.47
N4 A1AZW G . -21.44 -5.15 3.16
N5 A1AZW G . -19.23 -3.78 -0.69
N6 A1AZW G . -17.74 3.17 -8.29
N7 A1AZW G . -19.90 4.25 -9.83
N8 A1AZW G . -14.57 3.01 -6.57
N9 A1AZW G . -15.36 -1.23 -5.00
O1 A1AZW G . -21.33 -13.14 3.75
O2 A1AZW G . -19.86 -4.79 4.73
O3 A1AZW G . -12.39 1.18 -5.66
O4 A1AZW G . -18.93 0.34 -0.82
O5 A1AZW G . -18.12 -0.18 1.21
O6 A1AZW G . -23.29 -3.14 3.08
S1 A1AZW G . -18.57 -5.57 1.00
PG GNP H . 13.96 10.75 -2.86
O1G GNP H . 12.74 9.87 -2.66
O2G GNP H . 14.56 10.63 -4.25
O3G GNP H . 15.03 10.53 -1.79
N3B GNP H . 13.50 12.41 -2.71
PB GNP H . 12.18 13.10 -3.43
O1B GNP H . 12.49 13.56 -4.80
O2B GNP H . 10.99 12.20 -3.29
O3A GNP H . 11.97 14.46 -2.51
PA GNP H . 10.84 14.71 -1.42
O1A GNP H . 9.49 14.74 -2.13
O2A GNP H . 11.03 13.75 -0.32
O5' GNP H . 11.23 16.14 -0.97
C5' GNP H . 12.52 16.44 -0.40
C4' GNP H . 12.39 17.69 0.46
O4' GNP H . 12.02 18.81 -0.39
C3' GNP H . 11.34 17.61 1.56
O3' GNP H . 11.85 18.30 2.69
C2' GNP H . 10.13 18.33 0.93
O2' GNP H . 9.31 18.98 1.90
C1' GNP H . 10.83 19.39 0.10
N9 GNP H . 10.04 19.82 -1.06
C8 GNP H . 9.52 19.00 -2.02
N7 GNP H . 8.86 19.66 -2.94
C5 GNP H . 8.94 20.99 -2.54
C6 GNP H . 8.42 22.19 -3.14
O6 GNP H . 7.75 22.27 -4.18
N1 GNP H . 8.75 23.31 -2.42
C2 GNP H . 9.48 23.31 -1.25
N2 GNP H . 9.70 24.51 -0.68
N3 GNP H . 9.96 22.21 -0.69
C4 GNP H . 9.67 21.10 -1.39
MG MG I . 10.79 10.31 -2.56
C1 A1AZW J . 24.21 13.46 -1.49
C10 A1AZW J . 19.74 9.99 1.00
C11 A1AZW J . 18.52 9.63 1.87
C12 A1AZW J . 19.06 9.03 3.18
C13 A1AZW J . 21.31 8.01 3.76
C14 A1AZW J . 20.89 6.59 3.44
C15 A1AZW J . 21.34 4.57 2.16
C16 A1AZW J . 21.42 4.47 0.64
C17 A1AZW J . 20.07 4.50 -0.05
C18 A1AZW J . 18.37 3.86 -1.36
C19 A1AZW J . 17.83 5.00 -0.86
C2 A1AZW J . 21.80 13.47 -1.66
C20 A1AZW J . 17.71 2.91 -2.26
C21 A1AZW J . 16.66 3.30 -3.08
C22 A1AZW J . 16.04 2.41 -3.93
C23 A1AZW J . 16.47 1.08 -3.90
C24 A1AZW J . 17.49 0.66 -3.05
C25 A1AZW J . 18.13 1.59 -2.22
C26 A1AZW J . 17.69 -0.74 -3.26
C27 A1AZW J . 16.77 -1.14 -4.21
C28 A1AZW J . 16.61 -2.50 -4.74
C29 A1AZW J . 17.69 -3.11 -5.37
C3 A1AZW J . 20.70 14.30 -2.35
C30 A1AZW J . 17.57 -4.41 -5.85
C31 A1AZW J . 18.45 -6.27 -7.23
C32 A1AZW J . 19.64 -6.55 -8.14
C33 A1AZW J . 21.97 -6.93 -8.25
C34 A1AZW J . 22.18 -8.39 -8.49
C35 A1AZW J . 23.15 -7.60 -7.65
C36 A1AZW J . 21.15 -5.26 -6.75
C37 A1AZW J . 19.99 -4.80 -5.91
C38 A1AZW J . 16.36 -5.09 -5.68
C39 A1AZW J . 15.40 -3.28 -4.60
C4 A1AZW J . 20.31 15.51 -1.55
C40 A1AZW J . 14.15 -2.78 -3.90
C41 A1AZW J . 13.66 -3.78 -2.87
C42 A1AZW J . 12.13 -1.63 -4.33
C43 A1AZW J . 15.01 0.05 -5.65
C44 A1AZW J . 15.71 0.38 -6.95
C45 A1AZW J . 18.71 -1.60 -2.59
C46 A1AZW J . 18.36 -2.21 -1.22
C47 A1AZW J . 17.12 -3.11 -1.31
C48 A1AZW J . 19.55 -3.07 -0.81
C49 A1AZW J . 18.10 -1.13 -0.18
C5 A1AZW J . 19.49 16.59 -2.19
C50 A1AZW J . 19.36 0.38 1.13
C51 A1AZW J . 20.76 0.88 1.42
C52 A1AZW J . 21.57 -0.31 1.96
C53 A1AZW J . 22.93 0.15 2.48
C54 A1AZW J . 22.77 1.24 3.50
C55 A1AZW J . 22.34 3.61 2.77
C56 A1AZW J . 21.31 8.32 5.26
C57 A1AZW J . 21.56 9.81 5.52
C58 A1AZW J . 22.37 7.47 5.94
C59 A1AZW J . 20.73 8.91 1.49
C6 A1AZW J . 20.92 16.84 -1.85
C60 A1AZW J . 20.22 11.45 1.20
C7 A1AZW J . 21.38 13.00 -0.26
C8 A1AZW J . 20.62 10.72 -1.07
C9 A1AZW J . 19.44 9.95 -0.50
F1 A1AZW J . 16.37 1.55 -6.88
F2 A1AZW J . 16.62 -0.53 -7.30
F3 A1AZW J . 14.86 0.48 -7.96
N1 A1AZW J . 23.00 14.29 -1.50
N10 A1AZW J . 21.93 2.31 2.90
N11 A1AZW J . 20.69 1.94 2.41
N2 A1AZW J . 20.80 11.80 -0.10
N3 A1AZW J . 20.51 8.95 2.94
N4 A1AZW J . 21.66 5.94 2.57
N5 A1AZW J . 19.64 3.59 -0.87
N6 A1AZW J . 18.64 -5.08 -6.41
N7 A1AZW J . 20.89 -6.56 -7.38
N8 A1AZW J . 15.30 -4.53 -5.08
N9 A1AZW J . 16.01 -0.02 -4.59
O1 A1AZW J . 21.56 13.73 0.71
O2 A1AZW J . 19.90 6.08 3.98
O3 A1AZW J . 13.13 -2.52 -4.85
O4 A1AZW J . 19.36 -0.44 0.10
O5 A1AZW J . 18.39 0.70 1.76
O6 A1AZW J . 23.45 3.98 3.14
S1 A1AZW J . 18.91 5.77 0.23
#